data_2YCL
#
_entry.id   2YCL
#
_cell.length_a   172.219
_cell.length_b   43.476
_cell.length_c   101.855
_cell.angle_alpha   90.00
_cell.angle_beta   119.39
_cell.angle_gamma   90.00
#
_symmetry.space_group_name_H-M   'C 1 2 1'
#
loop_
_entity.id
_entity.type
_entity.pdbx_description
1 polymer 'CARBON MONOXIDE DEHYDROGENASE CORRINOID/IRON-SULFUR PROTEIN, GAMMA SUBUNIT'
2 polymer 'CO DEHYDROGENASE/ACETYL-COA SYNTHASE, IRON-SULFUR PROTEIN'
3 non-polymer COBALAMIN
4 non-polymer 'IRON/SULFUR CLUSTER'
5 water water
#
loop_
_entity_poly.entity_id
_entity_poly.type
_entity_poly.pdbx_seq_one_letter_code
_entity_poly.pdbx_strand_id
1 'polypeptide(L)'
;MGLTGLEIYKHLPKKNCKECGQPTCLAFAMQIAAGKAGLDACPYVSDEAKELLESASAPPVALIKVGKGEKVLEIGHETV
LFRHDKRFEHPCGLAILVEDTLSEGEIKERVEKINKLVFDRVGQMHSVNLVALKGSSQDAATFAKAVATAREVTDLPFIL
IGTPEQLAAALETEGANNPLLYAATADNYEQMVELAKKYNVPLTVSAKGLDALAELVQKITALGYKNLILDPQPENISEG
LFYQTQIRRLAIKKLFRPFGYPTIAFALDENPYQAVMEASVYIAKYAGIIVLNTVEPADILPLITLRLNIYTDPQKPIAV
EPKVYEILNPGPDAPVFITTNFSLTYFCVAGDVEGARIPAYILPVDTDGTSVLTAWAAGKFTPEKIAQFLKESGIAEKVN
HRKAILPGGVAVLSGKLQELSGWEILVGPRESSGINSFIKQRWNV
;
A
2 'polypeptide(L)'
;MAVEVLKEKWNSKVVEVTLGTGDKTVTLGGDSTLPFLTFEGEMPNPPRFALEVFDTPPTDWPDILVEPFKDVINDPVAWA
KKCVEYGADIVALRLVSAHPDGQNRSGAELAEVCKAVADAIDVPLMIIGCGVEEKDAEIFPVIGEALSGRNCLLSSATKD
NYKPIVATCMVHGHSVVASAPLDINLSKQLNIMIMEMNLAPNRIIMDPLIGALGYGIEYSYSIIERMRLGALTGDKILAM
PVVCFIGQEAWKAKEAKDPEVAEWGDYALRAIHWETVTTVALIQAGGHLFVMRHPKSLAEVKEHLKRILK
;
B
#
loop_
_chem_comp.id
_chem_comp.type
_chem_comp.name
_chem_comp.formula
B12 non-polymer COBALAMIN 'C62 H89 Co N13 O14 P 2'
SF4 non-polymer 'IRON/SULFUR CLUSTER' 'Fe4 S4'
#
# COMPACT_ATOMS: atom_id res chain seq x y z
N GLY A 2 34.51 -5.19 -1.11
CA GLY A 2 35.48 -4.84 -0.08
C GLY A 2 36.90 -5.11 -0.57
N LEU A 3 37.59 -4.04 -0.98
CA LEU A 3 38.95 -4.17 -1.51
C LEU A 3 40.00 -3.75 -0.49
N THR A 4 41.14 -4.43 -0.53
CA THR A 4 42.24 -4.15 0.38
C THR A 4 42.96 -2.86 -0.03
N GLY A 5 43.60 -2.21 0.93
CA GLY A 5 44.30 -0.96 0.68
C GLY A 5 45.22 -1.05 -0.52
N LEU A 6 45.85 -2.21 -0.69
CA LEU A 6 46.77 -2.40 -1.80
C LEU A 6 46.01 -2.25 -3.11
N GLU A 7 44.89 -2.95 -3.21
CA GLU A 7 44.05 -2.90 -4.40
C GLU A 7 43.63 -1.47 -4.76
N ILE A 8 43.20 -0.72 -3.77
CA ILE A 8 42.66 0.61 -4.01
C ILE A 8 43.78 1.63 -4.18
N TYR A 9 45.00 1.28 -3.81
CA TYR A 9 46.14 2.19 -3.98
C TYR A 9 46.64 2.29 -5.42
N LYS A 10 46.48 1.21 -6.18
N LYS A 10 46.50 1.21 -6.19
CA LYS A 10 46.99 1.16 -7.54
CA LYS A 10 47.05 1.21 -7.55
C LYS A 10 46.50 2.32 -8.40
C LYS A 10 46.50 2.34 -8.41
N HIS A 11 45.29 2.79 -8.09
CA HIS A 11 44.66 3.86 -8.88
C HIS A 11 44.80 5.28 -8.30
N LEU A 12 45.53 5.42 -7.20
CA LEU A 12 45.67 6.72 -6.52
C LEU A 12 46.68 7.65 -7.18
N PRO A 13 46.59 8.96 -6.86
CA PRO A 13 47.49 9.98 -7.43
C PRO A 13 48.96 9.76 -7.10
N LYS A 14 49.26 9.05 -6.01
CA LYS A 14 50.63 8.70 -5.64
C LYS A 14 51.50 9.90 -5.27
N LYS A 15 50.87 10.98 -4.82
CA LYS A 15 51.61 12.19 -4.47
C LYS A 15 52.23 12.13 -3.07
N ASN A 16 51.69 11.25 -2.22
CA ASN A 16 52.07 11.19 -0.81
C ASN A 16 52.09 12.60 -0.21
N CYS A 17 51.10 13.41 -0.55
CA CYS A 17 51.07 14.80 -0.10
C CYS A 17 50.37 14.97 1.25
N LYS A 18 49.85 13.86 1.79
CA LYS A 18 49.31 13.84 3.15
C LYS A 18 48.00 14.62 3.33
N GLU A 19 47.53 15.29 2.28
CA GLU A 19 46.36 16.17 2.38
C GLU A 19 45.07 15.45 2.77
N CYS A 20 45.08 14.13 2.72
CA CYS A 20 43.91 13.34 3.10
C CYS A 20 43.96 13.04 4.60
N GLY A 21 45.00 13.56 5.25
CA GLY A 21 45.24 13.30 6.66
C GLY A 21 46.24 12.19 6.89
N GLN A 22 46.44 11.32 5.90
CA GLN A 22 47.35 10.19 6.05
C GLN A 22 48.78 10.52 5.63
N PRO A 23 49.75 9.77 6.16
CA PRO A 23 51.18 9.98 5.85
C PRO A 23 51.56 9.62 4.39
N THR A 24 50.94 8.59 3.82
CA THR A 24 51.26 8.18 2.45
C THR A 24 50.03 7.63 1.72
N CYS A 25 50.07 7.67 0.39
CA CYS A 25 48.99 7.10 -0.41
C CYS A 25 48.64 5.69 0.02
N LEU A 26 49.66 4.87 0.24
CA LEU A 26 49.46 3.47 0.58
C LEU A 26 48.73 3.36 1.92
N ALA A 27 49.05 4.27 2.84
CA ALA A 27 48.43 4.31 4.16
C ALA A 27 47.07 5.02 4.16
N PHE A 28 46.78 5.78 3.09
CA PHE A 28 45.45 6.36 2.94
C PHE A 28 44.51 5.25 2.53
N ALA A 29 44.96 4.47 1.55
CA ALA A 29 44.19 3.34 1.06
C ALA A 29 43.85 2.39 2.20
N MET A 30 44.80 2.20 3.13
CA MET A 30 44.58 1.30 4.27
C MET A 30 43.54 1.87 5.24
N GLN A 31 43.51 3.19 5.37
CA GLN A 31 42.49 3.82 6.20
C GLN A 31 41.10 3.59 5.60
N ILE A 32 40.95 3.74 4.28
CA ILE A 32 39.63 3.52 3.67
C ILE A 32 39.23 2.04 3.66
N ALA A 33 40.21 1.15 3.55
CA ALA A 33 39.92 -0.28 3.48
C ALA A 33 39.29 -0.77 4.79
N ALA A 34 39.69 -0.14 5.89
CA ALA A 34 39.15 -0.41 7.23
C ALA A 34 37.98 0.53 7.57
N GLY A 35 37.59 1.35 6.61
CA GLY A 35 36.45 2.25 6.75
C GLY A 35 36.76 3.41 7.69
N LYS A 36 38.04 3.77 7.73
CA LYS A 36 38.51 4.92 8.49
C LYS A 36 38.52 6.21 7.67
N ALA A 37 38.38 6.09 6.35
CA ALA A 37 38.31 7.27 5.48
C ALA A 37 37.62 6.95 4.15
N GLY A 38 37.10 7.97 3.49
CA GLY A 38 36.51 7.81 2.17
C GLY A 38 37.39 8.36 1.06
N LEU A 39 37.04 8.01 -0.20
CA LEU A 39 37.82 8.43 -1.36
C LEU A 39 37.80 9.94 -1.50
N ASP A 40 36.73 10.55 -1.03
CA ASP A 40 36.55 11.99 -1.12
C ASP A 40 37.54 12.77 -0.24
N ALA A 41 38.29 12.07 0.61
CA ALA A 41 39.34 12.70 1.43
C ALA A 41 40.59 13.02 0.61
N CYS A 42 40.81 12.29 -0.47
CA CYS A 42 41.89 12.60 -1.39
C CYS A 42 41.37 13.50 -2.50
N PRO A 43 41.85 14.76 -2.53
CA PRO A 43 41.36 15.74 -3.51
C PRO A 43 41.81 15.46 -4.95
N TYR A 44 42.93 14.76 -5.11
CA TYR A 44 43.53 14.56 -6.43
C TYR A 44 43.14 13.27 -7.17
N VAL A 45 42.44 12.36 -6.50
CA VAL A 45 42.07 11.11 -7.15
C VAL A 45 41.24 11.39 -8.41
N SER A 46 41.67 10.83 -9.53
CA SER A 46 41.02 11.07 -10.82
C SER A 46 39.60 10.53 -10.80
N ASP A 47 38.74 11.08 -11.65
CA ASP A 47 37.34 10.67 -11.68
C ASP A 47 37.19 9.29 -12.30
N GLU A 48 38.14 8.93 -13.17
CA GLU A 48 38.18 7.59 -13.71
C GLU A 48 38.47 6.59 -12.60
N ALA A 49 39.54 6.82 -11.86
CA ALA A 49 39.94 5.91 -10.79
C ALA A 49 38.84 5.84 -9.73
N LYS A 50 38.22 6.97 -9.43
CA LYS A 50 37.15 6.99 -8.45
C LYS A 50 36.01 6.08 -8.91
N GLU A 51 35.72 6.09 -10.21
CA GLU A 51 34.62 5.29 -10.75
C GLU A 51 34.98 3.82 -10.73
N LEU A 52 36.23 3.52 -11.03
CA LEU A 52 36.68 2.13 -11.04
C LEU A 52 36.55 1.57 -9.63
N LEU A 53 37.08 2.33 -8.67
CA LEU A 53 37.09 1.93 -7.26
CA LEU A 53 37.09 1.93 -7.26
C LEU A 53 35.69 1.87 -6.69
N GLU A 54 34.89 2.88 -6.97
CA GLU A 54 33.56 2.98 -6.38
C GLU A 54 32.56 2.03 -7.03
N SER A 55 32.80 1.68 -8.30
CA SER A 55 31.89 0.79 -9.01
C SER A 55 32.20 -0.68 -8.71
N ALA A 56 33.22 -0.91 -7.86
CA ALA A 56 33.56 -2.25 -7.42
C ALA A 56 32.39 -2.85 -6.67
N SER A 57 32.25 -4.17 -6.75
CA SER A 57 31.08 -4.86 -6.23
C SER A 57 30.80 -4.54 -4.75
N ALA A 58 29.54 -4.27 -4.45
CA ALA A 58 29.08 -3.97 -3.10
C ALA A 58 27.57 -3.72 -3.12
N PRO A 59 26.89 -3.91 -1.98
CA PRO A 59 25.45 -3.66 -1.91
C PRO A 59 25.17 -2.19 -2.22
N PRO A 60 24.19 -1.90 -3.10
CA PRO A 60 23.94 -0.50 -3.45
C PRO A 60 23.43 0.40 -2.31
N VAL A 61 22.77 -0.19 -1.32
CA VAL A 61 22.23 0.56 -0.19
C VAL A 61 22.66 -0.07 1.12
N ALA A 62 23.48 0.66 1.89
CA ALA A 62 23.97 0.18 3.18
C ALA A 62 22.84 -0.25 4.12
N LEU A 63 23.10 -1.32 4.88
CA LEU A 63 22.22 -1.71 5.96
C LEU A 63 22.59 -0.94 7.22
N ILE A 64 21.64 -0.16 7.74
CA ILE A 64 21.89 0.66 8.92
C ILE A 64 21.05 0.15 10.07
N LYS A 65 21.67 0.08 11.25
CA LYS A 65 20.98 -0.36 12.45
C LYS A 65 20.78 0.82 13.42
N VAL A 66 19.57 0.93 13.97
CA VAL A 66 19.29 1.90 15.02
C VAL A 66 18.75 1.14 16.24
N GLY A 67 19.33 1.37 17.40
CA GLY A 67 18.87 0.71 18.61
C GLY A 67 19.68 -0.56 18.82
N LYS A 68 19.38 -1.28 19.88
CA LYS A 68 20.08 -2.54 20.10
C LYS A 68 19.23 -3.45 20.97
N GLY A 69 19.55 -4.73 20.94
CA GLY A 69 18.76 -5.71 21.65
C GLY A 69 17.56 -6.18 20.86
N GLU A 70 16.47 -6.45 21.57
CA GLU A 70 15.25 -6.96 20.97
C GLU A 70 14.63 -5.97 20.00
N LYS A 71 14.79 -4.68 20.30
CA LYS A 71 14.12 -3.60 19.57
C LYS A 71 14.88 -2.96 18.42
N VAL A 72 16.02 -3.53 18.03
CA VAL A 72 16.82 -2.97 16.95
C VAL A 72 16.04 -2.84 15.62
N LEU A 73 16.30 -1.75 14.90
CA LEU A 73 15.73 -1.56 13.57
C LEU A 73 16.83 -1.73 12.54
N GLU A 74 16.56 -2.50 11.50
CA GLU A 74 17.48 -2.63 10.39
C GLU A 74 16.75 -2.25 9.11
N ILE A 75 17.38 -1.38 8.33
CA ILE A 75 16.81 -0.92 7.05
C ILE A 75 17.95 -0.74 6.09
N GLY A 76 17.66 -0.65 4.80
CA GLY A 76 18.70 -0.70 3.79
C GLY A 76 18.75 -2.05 3.10
N HIS A 77 19.85 -2.30 2.40
CA HIS A 77 20.02 -3.52 1.60
C HIS A 77 18.81 -3.78 0.68
N GLU A 78 18.32 -2.72 0.03
CA GLU A 78 17.30 -2.84 -1.01
C GLU A 78 18.01 -2.80 -2.35
N THR A 79 17.72 -3.77 -3.22
CA THR A 79 18.25 -3.77 -4.58
C THR A 79 17.37 -3.42 -5.79
N VAL A 80 16.07 -3.19 -5.61
CA VAL A 80 15.17 -2.99 -6.76
C VAL A 80 14.23 -1.78 -6.64
N LEU A 81 13.77 -1.28 -7.79
CA LEU A 81 12.78 -0.20 -7.82
C LEU A 81 11.32 -0.70 -7.77
N PHE A 82 11.10 -1.98 -8.06
CA PHE A 82 9.74 -2.55 -8.09
C PHE A 82 9.75 -3.92 -7.40
N ARG A 83 8.79 -4.14 -6.52
CA ARG A 83 8.77 -5.36 -5.72
C ARG A 83 8.61 -6.62 -6.59
N HIS A 84 8.05 -6.49 -7.80
CA HIS A 84 7.91 -7.68 -8.67
C HIS A 84 9.24 -8.10 -9.31
N ASP A 85 10.19 -7.18 -9.37
CA ASP A 85 11.53 -7.48 -9.85
C ASP A 85 12.21 -8.44 -8.86
N LYS A 86 12.00 -8.15 -7.59
CA LYS A 86 12.51 -8.94 -6.47
C LYS A 86 11.99 -8.19 -5.27
N ARG A 87 11.88 -8.85 -4.13
CA ARG A 87 11.12 -8.33 -3.03
C ARG A 87 11.78 -7.13 -2.37
N PHE A 88 11.01 -6.34 -1.64
CA PHE A 88 11.57 -5.38 -0.70
C PHE A 88 12.02 -6.15 0.54
N GLU A 89 13.28 -5.93 0.93
CA GLU A 89 13.92 -6.67 2.02
C GLU A 89 13.65 -6.22 3.46
N HIS A 90 13.78 -4.93 3.76
CA HIS A 90 13.59 -4.44 5.13
C HIS A 90 12.47 -3.41 5.35
N PRO A 91 11.38 -3.81 6.02
CA PRO A 91 10.28 -2.87 6.26
C PRO A 91 10.78 -1.58 6.89
N CYS A 92 10.27 -0.45 6.41
CA CYS A 92 10.68 0.85 6.90
C CYS A 92 10.29 0.99 8.36
N GLY A 93 11.15 1.63 9.14
CA GLY A 93 10.78 1.99 10.49
C GLY A 93 9.69 3.06 10.51
N LEU A 94 8.84 3.00 11.52
CA LEU A 94 7.90 4.08 11.78
C LEU A 94 8.28 4.73 13.11
N ALA A 95 8.29 6.05 13.14
CA ALA A 95 8.67 6.79 14.35
C ALA A 95 7.56 7.76 14.74
N ILE A 96 7.38 7.99 16.04
CA ILE A 96 6.42 8.98 16.51
C ILE A 96 7.15 10.12 17.22
N LEU A 97 6.88 11.35 16.77
CA LEU A 97 7.48 12.53 17.34
C LEU A 97 7.00 12.81 18.76
N VAL A 98 7.94 13.17 19.62
CA VAL A 98 7.65 13.60 20.98
C VAL A 98 8.50 14.84 21.24
N GLU A 99 7.87 15.94 21.63
CA GLU A 99 8.60 17.19 21.82
C GLU A 99 8.93 17.46 23.30
N ASP A 100 10.13 17.98 23.52
CA ASP A 100 10.67 18.17 24.85
C ASP A 100 10.17 19.45 25.49
N THR A 101 9.28 20.16 24.80
CA THR A 101 8.57 21.27 25.43
C THR A 101 7.48 20.71 26.35
N LEU A 102 7.15 19.43 26.19
CA LEU A 102 6.21 18.74 27.08
C LEU A 102 6.77 18.59 28.50
N SER A 103 5.88 18.55 29.50
CA SER A 103 6.32 18.26 30.87
C SER A 103 6.78 16.81 31.02
N GLU A 104 7.64 16.54 32.00
CA GLU A 104 8.10 15.17 32.24
C GLU A 104 6.92 14.21 32.26
N GLY A 105 5.86 14.61 32.94
CA GLY A 105 4.67 13.78 33.05
C GLY A 105 4.03 13.52 31.70
N GLU A 106 3.90 14.57 30.90
CA GLU A 106 3.30 14.45 29.58
C GLU A 106 4.15 13.57 28.67
N ILE A 107 5.47 13.71 28.78
CA ILE A 107 6.40 12.95 27.95
C ILE A 107 6.17 11.47 28.21
N LYS A 108 6.14 11.09 29.48
CA LYS A 108 5.96 9.69 29.86
CA LYS A 108 5.97 9.70 29.84
C LYS A 108 4.64 9.17 29.33
N GLU A 109 3.57 9.94 29.52
CA GLU A 109 2.26 9.49 29.09
C GLU A 109 2.17 9.33 27.56
N ARG A 110 2.89 10.14 26.81
CA ARG A 110 2.83 10.07 25.34
C ARG A 110 3.64 8.87 24.82
N VAL A 111 4.84 8.66 25.39
CA VAL A 111 5.68 7.52 25.05
C VAL A 111 5.01 6.20 25.48
N GLU A 112 4.20 6.26 26.53
CA GLU A 112 3.44 5.09 26.96
C GLU A 112 2.42 4.72 25.88
N LYS A 113 1.72 5.73 25.36
CA LYS A 113 0.76 5.54 24.29
C LYS A 113 1.44 5.00 23.03
N ILE A 114 2.67 5.45 22.79
CA ILE A 114 3.42 5.02 21.60
C ILE A 114 3.79 3.54 21.71
N ASN A 115 4.05 3.11 22.94
CA ASN A 115 4.34 1.70 23.20
C ASN A 115 3.15 0.84 22.85
N LYS A 116 1.96 1.42 22.89
CA LYS A 116 0.77 0.67 22.58
C LYS A 116 0.49 0.61 21.08
N LEU A 117 1.31 1.20 20.21
CA LEU A 117 0.94 1.03 18.82
C LEU A 117 1.64 -0.23 18.35
N VAL A 118 0.86 -1.28 18.45
CA VAL A 118 1.28 -2.62 18.09
CA VAL A 118 1.28 -2.64 18.13
C VAL A 118 0.00 -3.33 17.73
N PHE A 119 0.02 -4.16 16.71
CA PHE A 119 -1.23 -4.68 16.18
C PHE A 119 -1.08 -6.11 15.71
N ASP A 120 -2.13 -6.88 15.89
CA ASP A 120 -2.17 -8.21 15.35
C ASP A 120 -2.62 -8.09 13.88
N ARG A 121 -1.76 -8.53 12.97
CA ARG A 121 -2.14 -8.68 11.58
C ARG A 121 -1.79 -10.10 11.18
N VAL A 122 -2.80 -10.85 10.74
CA VAL A 122 -2.63 -12.23 10.28
C VAL A 122 -1.96 -13.10 11.36
N GLY A 123 -2.34 -12.89 12.61
CA GLY A 123 -1.82 -13.69 13.71
C GLY A 123 -0.38 -13.38 14.08
N GLN A 124 0.12 -12.21 13.68
CA GLN A 124 1.45 -11.77 14.08
C GLN A 124 1.38 -10.34 14.62
N MET A 125 2.25 -10.00 15.58
CA MET A 125 2.32 -8.63 16.10
C MET A 125 3.21 -7.73 15.25
N HIS A 126 2.71 -6.54 14.93
CA HIS A 126 3.44 -5.54 14.12
C HIS A 126 3.32 -4.18 14.79
N SER A 127 4.43 -3.47 14.95
CA SER A 127 4.43 -2.25 15.75
C SER A 127 5.27 -1.09 15.17
N VAL A 128 5.08 0.11 15.74
CA VAL A 128 5.94 1.25 15.45
C VAL A 128 7.31 1.02 16.09
N ASN A 129 8.36 1.39 15.37
CA ASN A 129 9.72 1.07 15.79
C ASN A 129 10.57 2.10 16.55
N LEU A 130 10.17 3.37 16.57
CA LEU A 130 11.07 4.41 17.12
C LEU A 130 10.34 5.59 17.72
N VAL A 131 11.00 6.27 18.66
CA VAL A 131 10.47 7.49 19.26
C VAL A 131 11.41 8.59 18.83
N ALA A 132 10.89 9.62 18.18
CA ALA A 132 11.75 10.71 17.75
C ALA A 132 11.59 11.86 18.73
N LEU A 133 12.61 12.07 19.55
CA LEU A 133 12.60 13.10 20.57
C LEU A 133 13.14 14.37 19.95
N LYS A 134 12.37 15.45 20.02
CA LYS A 134 12.77 16.71 19.41
CA LYS A 134 12.78 16.70 19.41
C LYS A 134 12.99 17.81 20.43
N GLY A 135 14.06 18.57 20.20
CA GLY A 135 14.63 19.58 21.06
C GLY A 135 13.96 20.94 20.90
N SER A 136 12.66 20.94 20.61
CA SER A 136 11.92 22.19 20.35
CA SER A 136 11.91 22.18 20.36
C SER A 136 12.03 23.25 21.45
N SER A 137 12.36 22.84 22.68
CA SER A 137 12.56 23.79 23.78
C SER A 137 13.78 24.69 23.52
N GLN A 138 14.65 24.24 22.62
CA GLN A 138 15.90 24.94 22.28
C GLN A 138 16.81 25.16 23.52
N ASP A 139 16.81 24.19 24.42
CA ASP A 139 17.67 24.24 25.61
C ASP A 139 18.28 22.86 25.85
N ALA A 140 19.61 22.82 26.01
CA ALA A 140 20.34 21.57 26.13
C ALA A 140 19.88 20.77 27.35
N ALA A 141 19.84 21.41 28.51
CA ALA A 141 19.50 20.72 29.75
C ALA A 141 18.09 20.12 29.69
N THR A 142 17.17 20.84 29.08
CA THR A 142 15.79 20.38 29.01
C THR A 142 15.71 19.16 28.10
N PHE A 143 16.43 19.21 26.98
CA PHE A 143 16.39 18.11 26.03
C PHE A 143 16.91 16.83 26.69
N ALA A 144 18.05 16.95 27.36
CA ALA A 144 18.69 15.81 27.97
C ALA A 144 17.79 15.17 29.02
N LYS A 145 17.15 15.97 29.86
CA LYS A 145 16.22 15.44 30.85
C LYS A 145 15.00 14.84 30.17
N ALA A 146 14.61 15.40 29.03
CA ALA A 146 13.47 14.87 28.28
C ALA A 146 13.78 13.46 27.77
N VAL A 147 15.00 13.26 27.27
CA VAL A 147 15.38 11.96 26.68
C VAL A 147 15.52 10.88 27.76
N ALA A 148 16.17 11.24 28.86
CA ALA A 148 16.30 10.34 30.00
C ALA A 148 14.93 9.89 30.46
N THR A 149 14.01 10.84 30.56
CA THR A 149 12.65 10.57 31.04
C THR A 149 11.93 9.58 30.11
N ALA A 150 11.93 9.89 28.82
CA ALA A 150 11.38 8.97 27.81
C ALA A 150 11.96 7.55 27.93
N ARG A 151 13.28 7.45 28.02
CA ARG A 151 13.96 6.17 28.14
C ARG A 151 13.54 5.39 29.38
N GLU A 152 13.09 6.08 30.44
CA GLU A 152 12.61 5.36 31.61
C GLU A 152 11.36 4.54 31.27
N VAL A 153 10.54 5.05 30.34
CA VAL A 153 9.29 4.37 29.99
C VAL A 153 9.26 3.51 28.71
N THR A 154 10.37 3.35 28.01
CA THR A 154 10.32 2.51 26.80
C THR A 154 11.65 1.84 26.48
N ASP A 155 11.58 0.69 25.81
CA ASP A 155 12.76 0.03 25.22
C ASP A 155 12.96 0.32 23.72
N LEU A 156 12.11 1.17 23.13
CA LEU A 156 12.22 1.50 21.71
C LEU A 156 13.43 2.39 21.43
N PRO A 157 14.13 2.16 20.31
CA PRO A 157 15.29 3.02 20.00
C PRO A 157 14.82 4.46 19.72
N PHE A 158 15.74 5.41 19.74
CA PHE A 158 15.38 6.82 19.57
C PHE A 158 15.99 7.41 18.33
N ILE A 159 15.27 8.34 17.72
CA ILE A 159 15.91 9.36 16.92
C ILE A 159 16.00 10.63 17.78
N LEU A 160 17.18 11.25 17.80
CA LEU A 160 17.41 12.47 18.56
C LEU A 160 17.50 13.66 17.59
N ILE A 161 16.49 14.52 17.63
CA ILE A 161 16.45 15.71 16.80
C ILE A 161 16.78 16.94 17.65
N GLY A 162 17.94 17.53 17.44
CA GLY A 162 18.34 18.70 18.19
C GLY A 162 19.68 19.26 17.73
N THR A 163 20.10 20.39 18.30
CA THR A 163 21.38 21.00 17.96
C THR A 163 22.50 20.14 18.51
N PRO A 164 23.72 20.33 17.96
CA PRO A 164 24.85 19.57 18.47
C PRO A 164 24.96 19.64 20.00
N GLU A 165 24.66 20.81 20.57
CA GLU A 165 24.75 21.01 22.01
C GLU A 165 23.72 20.14 22.73
N GLN A 166 22.47 20.19 22.30
CA GLN A 166 21.42 19.34 22.88
C GLN A 166 21.78 17.85 22.76
N LEU A 167 22.25 17.45 21.59
CA LEU A 167 22.52 16.03 21.33
C LEU A 167 23.63 15.50 22.24
N ALA A 168 24.68 16.29 22.40
CA ALA A 168 25.81 15.93 23.25
C ALA A 168 25.39 15.71 24.68
N ALA A 169 24.46 16.53 25.18
CA ALA A 169 23.96 16.42 26.55
C ALA A 169 23.13 15.15 26.72
N ALA A 170 22.29 14.85 25.74
CA ALA A 170 21.39 13.72 25.83
C ALA A 170 22.17 12.43 25.64
N LEU A 171 23.24 12.47 24.86
CA LEU A 171 24.03 11.29 24.54
C LEU A 171 24.78 10.78 25.76
N GLU A 172 25.00 11.66 26.73
CA GLU A 172 25.66 11.27 27.97
CA GLU A 172 25.67 11.26 27.95
C GLU A 172 24.99 10.01 28.51
N THR A 173 23.66 10.07 28.61
CA THR A 173 22.85 8.91 29.00
C THR A 173 22.46 7.95 27.85
N GLU A 174 22.13 8.51 26.69
CA GLU A 174 21.45 7.77 25.62
C GLU A 174 22.39 7.15 24.58
N GLY A 175 23.67 7.49 24.63
CA GLY A 175 24.62 7.07 23.61
C GLY A 175 24.80 5.56 23.53
N ALA A 176 24.49 4.89 24.63
CA ALA A 176 24.66 3.45 24.75
C ALA A 176 23.49 2.68 24.15
N ASN A 177 22.39 3.37 23.90
CA ASN A 177 21.21 2.77 23.27
C ASN A 177 21.18 2.88 21.74
N ASN A 178 22.29 3.36 21.17
CA ASN A 178 22.49 3.46 19.72
C ASN A 178 21.41 4.26 18.97
N PRO A 179 21.15 5.50 19.40
CA PRO A 179 20.11 6.30 18.75
C PRO A 179 20.58 6.84 17.41
N LEU A 180 19.63 7.18 16.53
CA LEU A 180 19.95 7.92 15.32
C LEU A 180 19.99 9.42 15.62
N LEU A 181 21.07 10.09 15.24
CA LEU A 181 21.21 11.52 15.46
C LEU A 181 20.64 12.32 14.28
N TYR A 182 20.01 13.45 14.58
CA TYR A 182 19.48 14.32 13.53
C TYR A 182 19.84 15.78 13.86
N ALA A 183 20.65 16.45 13.04
CA ALA A 183 21.28 15.90 11.83
C ALA A 183 22.58 16.65 11.57
N ALA A 184 23.45 16.07 10.76
CA ALA A 184 24.59 16.82 10.24
C ALA A 184 24.12 17.70 9.09
N THR A 185 24.49 18.98 9.13
CA THR A 185 24.19 19.94 8.05
C THR A 185 25.48 20.54 7.56
N ALA A 186 25.39 21.40 6.55
CA ALA A 186 26.58 22.05 6.01
C ALA A 186 27.25 22.91 7.08
N ASP A 187 26.46 23.42 8.02
CA ASP A 187 26.98 24.30 9.07
C ASP A 187 27.72 23.54 10.15
N ASN A 188 27.09 22.46 10.63
CA ASN A 188 27.61 21.70 11.77
C ASN A 188 28.37 20.37 11.54
N TYR A 189 28.58 19.94 10.30
CA TYR A 189 28.90 18.51 10.06
C TYR A 189 30.17 17.97 10.73
N GLU A 190 31.23 18.77 10.76
CA GLU A 190 32.46 18.32 11.45
C GLU A 190 32.19 18.02 12.93
N GLN A 191 31.43 18.88 13.58
CA GLN A 191 31.09 18.69 14.98
C GLN A 191 30.15 17.50 15.16
N MET A 192 29.24 17.31 14.22
CA MET A 192 28.26 16.25 14.32
C MET A 192 28.90 14.87 14.06
N VAL A 193 29.89 14.82 13.18
CA VAL A 193 30.60 13.59 12.87
C VAL A 193 31.48 13.17 14.03
N GLU A 194 32.18 14.13 14.63
CA GLU A 194 33.00 13.81 15.79
C GLU A 194 32.13 13.25 16.90
N LEU A 195 30.95 13.84 17.10
CA LEU A 195 30.03 13.36 18.12
C LEU A 195 29.54 11.94 17.76
N ALA A 196 29.32 11.69 16.48
CA ALA A 196 28.80 10.40 16.05
C ALA A 196 29.83 9.31 16.31
N LYS A 197 31.08 9.56 15.93
CA LYS A 197 32.16 8.60 16.16
C LYS A 197 32.36 8.35 17.65
N LYS A 198 32.32 9.42 18.43
CA LYS A 198 32.54 9.31 19.88
C LYS A 198 31.57 8.32 20.51
N TYR A 199 30.30 8.38 20.11
CA TYR A 199 29.30 7.44 20.61
C TYR A 199 28.98 6.24 19.70
N ASN A 200 29.61 6.16 18.53
CA ASN A 200 29.34 5.06 17.59
C ASN A 200 27.85 4.92 17.26
N VAL A 201 27.23 6.03 16.87
CA VAL A 201 25.80 6.04 16.58
C VAL A 201 25.54 6.48 15.15
N PRO A 202 24.42 6.02 14.55
CA PRO A 202 24.12 6.40 13.18
C PRO A 202 23.79 7.91 13.08
N LEU A 203 24.02 8.49 11.91
CA LEU A 203 23.94 9.94 11.77
C LEU A 203 23.16 10.33 10.51
N THR A 204 22.07 11.08 10.66
CA THR A 204 21.34 11.63 9.51
C THR A 204 22.13 12.77 8.86
N VAL A 205 22.25 12.74 7.53
CA VAL A 205 22.83 13.83 6.75
C VAL A 205 21.68 14.62 6.11
N SER A 206 21.63 15.93 6.38
CA SER A 206 20.46 16.76 6.00
C SER A 206 20.86 18.00 5.19
N ALA A 207 20.34 18.11 3.98
CA ALA A 207 20.60 19.24 3.08
C ALA A 207 19.45 19.36 2.08
N LYS A 208 19.33 20.52 1.45
CA LYS A 208 18.18 20.83 0.62
C LYS A 208 18.45 20.45 -0.84
N GLY A 209 17.72 19.45 -1.34
CA GLY A 209 17.86 19.00 -2.72
C GLY A 209 19.00 18.03 -2.94
N LEU A 210 18.97 17.34 -4.08
CA LEU A 210 19.93 16.28 -4.39
C LEU A 210 21.38 16.76 -4.44
N ASP A 211 21.61 17.91 -5.09
CA ASP A 211 22.95 18.46 -5.22
C ASP A 211 23.64 18.70 -3.90
N ALA A 212 22.93 19.32 -2.96
CA ALA A 212 23.52 19.72 -1.69
C ALA A 212 23.65 18.50 -0.77
N LEU A 213 22.73 17.55 -0.89
CA LEU A 213 22.78 16.33 -0.09
C LEU A 213 24.00 15.47 -0.47
N ALA A 214 24.25 15.32 -1.77
CA ALA A 214 25.39 14.55 -2.26
C ALA A 214 26.74 15.20 -1.91
N GLU A 215 26.83 16.51 -2.02
CA GLU A 215 28.08 17.21 -1.69
CA GLU A 215 28.08 17.20 -1.70
C GLU A 215 28.35 17.11 -0.19
N LEU A 216 27.29 17.09 0.61
CA LEU A 216 27.46 17.01 2.08
C LEU A 216 27.84 15.60 2.48
N VAL A 217 27.25 14.59 1.84
CA VAL A 217 27.58 13.20 2.14
C VAL A 217 29.06 12.94 1.84
N GLN A 218 29.55 13.53 0.76
CA GLN A 218 30.92 13.29 0.34
C GLN A 218 31.95 13.90 1.30
N LYS A 219 31.63 15.05 1.88
CA LYS A 219 32.48 15.63 2.91
C LYS A 219 32.50 14.74 4.16
N ILE A 220 31.36 14.10 4.45
CA ILE A 220 31.25 13.27 5.65
C ILE A 220 31.91 11.89 5.47
N THR A 221 31.72 11.26 4.31
CA THR A 221 32.38 9.98 4.05
C THR A 221 33.89 10.22 3.93
N ALA A 222 34.27 11.42 3.50
CA ALA A 222 35.68 11.77 3.41
C ALA A 222 36.35 11.68 4.78
N LEU A 223 35.58 11.95 5.84
CA LEU A 223 36.07 11.93 7.22
C LEU A 223 35.93 10.52 7.79
N GLY A 224 35.50 9.60 6.95
CA GLY A 224 35.45 8.20 7.30
C GLY A 224 34.21 7.73 8.03
N TYR A 225 33.09 8.46 7.91
CA TYR A 225 31.85 8.01 8.55
C TYR A 225 30.82 7.53 7.51
N LYS A 226 30.62 6.22 7.48
CA LYS A 226 29.61 5.57 6.62
C LYS A 226 28.30 5.10 7.29
N ASN A 227 28.08 5.41 8.56
CA ASN A 227 26.87 4.90 9.17
C ASN A 227 25.88 6.06 9.10
N LEU A 228 24.99 6.01 8.11
CA LEU A 228 24.35 7.23 7.59
C LEU A 228 22.90 7.02 7.15
N ILE A 229 22.07 8.04 7.39
CA ILE A 229 20.70 8.09 6.89
C ILE A 229 20.53 9.43 6.16
N LEU A 230 19.77 9.44 5.06
CA LEU A 230 19.73 10.61 4.17
C LEU A 230 18.43 11.39 4.29
N ASP A 231 18.55 12.73 4.30
CA ASP A 231 17.40 13.65 4.34
C ASP A 231 17.54 14.83 3.35
N PRO A 232 16.97 14.70 2.13
CA PRO A 232 16.95 15.68 1.05
C PRO A 232 16.09 16.93 1.34
N GLN A 233 15.30 16.89 2.41
CA GLN A 233 14.46 18.03 2.83
C GLN A 233 13.40 18.49 1.80
N PRO A 234 12.46 17.61 1.49
CA PRO A 234 11.32 17.98 0.64
C PRO A 234 10.37 18.96 1.36
N GLU A 235 9.83 19.94 0.63
CA GLU A 235 8.87 20.86 1.24
C GLU A 235 7.46 20.30 1.15
N ASN A 236 7.28 19.26 0.37
CA ASN A 236 5.96 18.66 0.19
C ASN A 236 6.14 17.30 -0.43
N ILE A 237 5.03 16.60 -0.66
CA ILE A 237 5.07 15.20 -1.02
C ILE A 237 5.37 15.02 -2.52
N SER A 238 5.32 16.11 -3.28
CA SER A 238 5.79 16.10 -4.66
C SER A 238 7.33 16.07 -4.71
N GLU A 239 7.98 16.91 -3.92
CA GLU A 239 9.44 16.87 -3.79
C GLU A 239 9.92 15.55 -3.16
N GLY A 240 9.29 15.14 -2.06
CA GLY A 240 9.59 13.85 -1.45
C GLY A 240 9.58 12.66 -2.40
N LEU A 241 8.49 12.42 -3.14
CA LEU A 241 8.46 11.35 -4.15
C LEU A 241 9.58 11.46 -5.18
N PHE A 242 9.87 12.68 -5.64
CA PHE A 242 10.93 12.88 -6.60
C PHE A 242 12.27 12.50 -5.96
N TYR A 243 12.52 13.03 -4.77
CA TYR A 243 13.80 12.81 -4.12
C TYR A 243 14.00 11.33 -3.81
N GLN A 244 12.92 10.66 -3.39
CA GLN A 244 13.02 9.27 -2.96
C GLN A 244 13.28 8.40 -4.18
N THR A 245 12.62 8.73 -5.28
CA THR A 245 12.79 7.97 -6.51
C THR A 245 14.23 8.12 -7.03
N GLN A 246 14.75 9.34 -7.04
CA GLN A 246 16.10 9.56 -7.53
C GLN A 246 17.16 8.91 -6.61
N ILE A 247 17.06 9.15 -5.32
CA ILE A 247 18.03 8.57 -4.38
C ILE A 247 18.10 7.05 -4.59
N ARG A 248 16.95 6.40 -4.74
CA ARG A 248 16.93 4.94 -4.89
C ARG A 248 17.43 4.50 -6.26
N ARG A 249 17.00 5.21 -7.31
CA ARG A 249 17.45 4.94 -8.67
C ARG A 249 18.96 5.12 -8.82
N LEU A 250 19.48 6.22 -8.30
CA LEU A 250 20.89 6.53 -8.53
C LEU A 250 21.80 5.57 -7.76
N ALA A 251 21.41 5.20 -6.54
CA ALA A 251 22.21 4.24 -5.77
C ALA A 251 22.30 2.91 -6.52
N ILE A 252 21.12 2.39 -6.93
CA ILE A 252 20.99 1.08 -7.54
C ILE A 252 21.42 1.02 -9.01
N LYS A 253 20.89 1.91 -9.83
CA LYS A 253 21.17 1.90 -11.27
C LYS A 253 22.47 2.56 -11.71
N LYS A 254 22.88 3.63 -11.05
CA LYS A 254 24.16 4.28 -11.35
C LYS A 254 25.31 3.95 -10.41
N LEU A 255 25.07 3.12 -9.39
CA LEU A 255 26.10 2.89 -8.38
C LEU A 255 26.60 4.23 -7.80
N PHE A 256 25.69 5.13 -7.48
CA PHE A 256 26.13 6.44 -7.01
C PHE A 256 26.19 6.36 -5.49
N ARG A 257 27.41 6.30 -4.99
CA ARG A 257 27.68 5.95 -3.60
C ARG A 257 27.22 6.99 -2.57
N PRO A 258 27.30 8.29 -2.89
CA PRO A 258 26.79 9.28 -1.92
C PRO A 258 25.32 9.06 -1.55
N PHE A 259 24.57 8.44 -2.45
CA PHE A 259 23.14 8.11 -2.26
C PHE A 259 22.91 6.66 -1.74
N GLY A 260 23.99 6.00 -1.37
CA GLY A 260 24.00 4.58 -1.12
C GLY A 260 23.51 4.23 0.27
N TYR A 261 22.64 5.07 0.82
CA TYR A 261 22.12 4.87 2.17
C TYR A 261 20.61 5.02 2.23
N PRO A 262 19.98 4.47 3.29
CA PRO A 262 18.53 4.57 3.47
C PRO A 262 18.14 6.00 3.83
N THR A 263 16.88 6.35 3.68
CA THR A 263 16.45 7.75 3.82
C THR A 263 15.49 7.87 4.99
N ILE A 264 15.34 9.10 5.49
CA ILE A 264 14.28 9.42 6.41
C ILE A 264 13.29 10.38 5.73
N ALA A 265 12.03 10.29 6.14
CA ALA A 265 10.93 11.05 5.56
C ALA A 265 9.98 11.45 6.68
N PHE A 266 9.45 12.66 6.62
CA PHE A 266 8.55 13.16 7.65
C PHE A 266 7.14 13.31 7.10
N ALA A 267 6.14 12.64 7.67
CA ALA A 267 4.78 13.11 7.41
C ALA A 267 4.18 13.59 8.73
N LEU A 268 4.25 14.90 8.94
CA LEU A 268 3.80 15.55 10.16
C LEU A 268 2.44 16.29 10.06
N ASP A 269 1.80 16.23 8.91
CA ASP A 269 0.64 17.10 8.69
C ASP A 269 -0.40 17.02 9.80
N GLU A 270 -0.94 18.17 10.18
CA GLU A 270 -1.91 18.22 11.27
C GLU A 270 -3.24 17.58 10.88
N ASN A 271 -3.53 17.52 9.59
CA ASN A 271 -4.70 16.77 9.11
C ASN A 271 -4.32 15.29 9.04
N PRO A 272 -4.99 14.45 9.85
CA PRO A 272 -4.54 13.06 9.94
C PRO A 272 -4.69 12.29 8.64
N TYR A 273 -5.73 12.58 7.85
CA TYR A 273 -5.91 11.94 6.55
C TYR A 273 -4.75 12.27 5.62
N GLN A 274 -4.29 13.51 5.68
CA GLN A 274 -3.18 13.96 4.82
C GLN A 274 -1.86 13.36 5.32
N ALA A 275 -1.66 13.31 6.63
CA ALA A 275 -0.48 12.67 7.18
C ALA A 275 -0.42 11.19 6.76
N VAL A 276 -1.53 10.47 6.92
CA VAL A 276 -1.56 9.04 6.61
C VAL A 276 -1.34 8.81 5.12
N MET A 277 -1.81 9.71 4.28
CA MET A 277 -1.63 9.51 2.83
C MET A 277 -0.19 9.79 2.38
N GLU A 278 0.45 10.81 2.91
CA GLU A 278 1.85 11.09 2.61
C GLU A 278 2.75 9.95 3.10
N ALA A 279 2.55 9.51 4.34
CA ALA A 279 3.28 8.37 4.86
C ALA A 279 3.10 7.15 3.95
N SER A 280 1.88 6.91 3.49
CA SER A 280 1.59 5.79 2.59
C SER A 280 2.42 5.84 1.31
N VAL A 281 2.57 7.04 0.74
CA VAL A 281 3.40 7.21 -0.45
C VAL A 281 4.86 6.84 -0.12
N TYR A 282 5.33 7.27 1.05
CA TYR A 282 6.70 7.00 1.49
C TYR A 282 6.91 5.50 1.83
N ILE A 283 5.88 4.82 2.30
CA ILE A 283 6.00 3.37 2.51
C ILE A 283 6.20 2.70 1.15
N ALA A 284 5.28 3.00 0.22
CA ALA A 284 5.31 2.42 -1.11
C ALA A 284 6.56 2.85 -1.87
N LYS A 285 7.00 4.10 -1.72
CA LYS A 285 8.23 4.41 -2.40
C LYS A 285 9.40 4.79 -1.53
N TYR A 286 10.17 3.75 -1.19
CA TYR A 286 11.58 3.79 -0.82
C TYR A 286 12.05 4.44 0.51
N ALA A 287 11.16 5.02 1.32
CA ALA A 287 11.59 5.61 2.59
C ALA A 287 12.10 4.54 3.58
N GLY A 288 13.28 4.76 4.17
CA GLY A 288 13.81 3.89 5.22
C GLY A 288 13.13 4.06 6.58
N ILE A 289 12.85 5.31 6.95
CA ILE A 289 12.21 5.66 8.21
C ILE A 289 11.19 6.77 7.97
N ILE A 290 9.98 6.61 8.48
CA ILE A 290 8.97 7.64 8.35
C ILE A 290 8.59 8.12 9.75
N VAL A 291 8.62 9.43 9.95
CA VAL A 291 8.30 10.03 11.25
C VAL A 291 6.93 10.64 11.19
N LEU A 292 6.06 10.30 12.14
CA LEU A 292 4.73 10.90 12.17
C LEU A 292 4.52 11.72 13.45
N ASN A 293 3.42 12.44 13.50
CA ASN A 293 2.96 13.18 14.67
C ASN A 293 1.78 12.64 15.49
N THR A 294 1.29 11.44 15.16
CA THR A 294 0.03 10.94 15.75
C THR A 294 0.23 9.66 16.59
N VAL A 295 -0.40 9.63 17.77
CA VAL A 295 -0.48 8.42 18.62
C VAL A 295 -1.81 7.66 18.50
N GLU A 296 -2.68 8.12 17.61
CA GLU A 296 -4.01 7.52 17.46
C GLU A 296 -3.94 6.17 16.75
N PRO A 297 -4.32 5.08 17.44
CA PRO A 297 -4.22 3.77 16.79
C PRO A 297 -4.82 3.68 15.38
N ALA A 298 -5.95 4.35 15.13
CA ALA A 298 -6.64 4.29 13.84
C ALA A 298 -5.85 4.94 12.70
N ASP A 299 -4.96 5.87 13.02
CA ASP A 299 -4.05 6.47 12.04
C ASP A 299 -2.89 5.52 11.74
N ILE A 300 -2.42 4.79 12.76
CA ILE A 300 -1.27 3.89 12.60
C ILE A 300 -1.64 2.53 11.98
N LEU A 301 -2.83 2.03 12.27
CA LEU A 301 -3.24 0.71 11.79
C LEU A 301 -3.12 0.62 10.27
N PRO A 302 -3.67 1.61 9.54
CA PRO A 302 -3.56 1.54 8.08
C PRO A 302 -2.13 1.54 7.56
N LEU A 303 -1.22 2.28 8.21
CA LEU A 303 0.17 2.34 7.78
C LEU A 303 0.92 1.04 8.10
N ILE A 304 0.63 0.46 9.28
CA ILE A 304 1.21 -0.83 9.65
C ILE A 304 0.87 -1.86 8.59
N THR A 305 -0.39 -1.86 8.20
CA THR A 305 -0.92 -2.85 7.29
C THR A 305 -0.33 -2.66 5.90
N LEU A 306 -0.27 -1.42 5.42
CA LEU A 306 0.30 -1.15 4.10
C LEU A 306 1.78 -1.57 4.08
N ARG A 307 2.50 -1.28 5.16
CA ARG A 307 3.90 -1.64 5.25
C ARG A 307 4.00 -3.17 5.14
N LEU A 308 3.20 -3.86 5.92
CA LEU A 308 3.16 -5.33 5.88
C LEU A 308 2.93 -5.86 4.46
N ASN A 309 1.88 -5.36 3.81
CA ASN A 309 1.54 -5.82 2.47
C ASN A 309 2.69 -5.58 1.49
N ILE A 310 3.10 -4.31 1.38
CA ILE A 310 4.13 -3.90 0.42
C ILE A 310 5.42 -4.71 0.61
N TYR A 311 5.74 -5.02 1.85
CA TYR A 311 6.99 -5.69 2.16
C TYR A 311 6.85 -7.23 2.23
N THR A 312 5.66 -7.74 1.95
CA THR A 312 5.46 -9.20 1.85
C THR A 312 6.21 -9.73 0.64
N ASP A 313 6.73 -10.95 0.77
CA ASP A 313 7.33 -11.68 -0.34
C ASP A 313 6.25 -12.57 -0.97
N PRO A 314 5.85 -12.29 -2.21
CA PRO A 314 4.78 -13.11 -2.81
C PRO A 314 5.12 -14.61 -2.90
N GLN A 315 6.41 -14.92 -2.96
CA GLN A 315 6.88 -16.30 -3.04
C GLN A 315 6.44 -17.18 -1.86
N LYS A 316 6.23 -16.57 -0.69
CA LYS A 316 5.90 -17.35 0.51
C LYS A 316 4.41 -17.59 0.64
N PRO A 317 4.01 -18.85 0.79
CA PRO A 317 2.61 -19.04 1.16
C PRO A 317 2.44 -18.57 2.59
N ILE A 318 1.28 -18.00 2.91
CA ILE A 318 0.94 -17.70 4.29
C ILE A 318 -0.15 -18.68 4.69
N ALA A 319 0.20 -19.64 5.54
CA ALA A 319 -0.72 -20.75 5.82
C ALA A 319 -0.67 -21.17 7.28
N VAL A 320 -1.79 -21.71 7.76
CA VAL A 320 -1.90 -22.30 9.10
C VAL A 320 -1.95 -23.83 8.99
N GLU A 321 -1.43 -24.51 9.99
CA GLU A 321 -1.51 -25.96 10.03
C GLU A 321 -2.97 -26.28 9.82
N PRO A 322 -3.27 -27.11 8.81
CA PRO A 322 -4.66 -27.48 8.51
C PRO A 322 -5.18 -28.55 9.48
N LYS A 323 -5.63 -28.13 10.65
CA LYS A 323 -6.20 -29.05 11.63
C LYS A 323 -7.45 -28.43 12.24
N VAL A 324 -8.10 -29.16 13.14
CA VAL A 324 -9.22 -28.62 13.88
C VAL A 324 -8.68 -27.61 14.91
N TYR A 325 -9.24 -26.41 14.89
CA TYR A 325 -8.96 -25.42 15.92
C TYR A 325 -10.20 -25.26 16.79
N GLU A 326 -9.98 -25.06 18.08
CA GLU A 326 -11.06 -24.84 19.03
C GLU A 326 -11.04 -23.38 19.49
N ILE A 327 -12.20 -22.73 19.46
CA ILE A 327 -12.35 -21.35 19.95
C ILE A 327 -13.23 -21.30 21.22
N LEU A 328 -12.73 -20.63 22.26
CA LEU A 328 -13.43 -20.52 23.54
C LEU A 328 -13.95 -21.85 24.11
N ASN A 329 -13.06 -22.85 24.16
CA ASN A 329 -13.38 -24.17 24.74
CA ASN A 329 -13.38 -24.16 24.75
C ASN A 329 -14.77 -24.69 24.41
N PRO A 330 -14.97 -25.08 23.13
CA PRO A 330 -16.27 -25.61 22.72
C PRO A 330 -16.60 -26.98 23.32
N GLY A 331 -17.88 -27.24 23.53
CA GLY A 331 -18.33 -28.54 23.94
C GLY A 331 -18.75 -29.35 22.73
N PRO A 332 -19.26 -30.57 22.97
CA PRO A 332 -19.69 -31.44 21.88
C PRO A 332 -20.85 -30.85 21.07
N ASP A 333 -21.50 -29.82 21.58
CA ASP A 333 -22.64 -29.19 20.92
C ASP A 333 -22.32 -27.96 20.06
N ALA A 334 -21.05 -27.57 19.96
CA ALA A 334 -20.72 -26.27 19.36
C ALA A 334 -20.66 -26.32 17.83
N PRO A 335 -20.91 -25.18 17.17
CA PRO A 335 -20.90 -25.16 15.70
C PRO A 335 -19.54 -25.52 15.12
N VAL A 336 -19.56 -26.06 13.90
CA VAL A 336 -18.34 -26.44 13.17
C VAL A 336 -18.32 -25.62 11.88
N PHE A 337 -17.34 -24.72 11.76
CA PHE A 337 -17.22 -23.83 10.60
C PHE A 337 -16.15 -24.32 9.62
N ILE A 338 -16.53 -24.57 8.38
CA ILE A 338 -15.57 -24.95 7.35
C ILE A 338 -14.99 -23.70 6.68
N THR A 339 -13.66 -23.63 6.60
CA THR A 339 -12.96 -22.53 5.93
C THR A 339 -11.67 -23.07 5.29
N THR A 340 -10.77 -22.19 4.85
CA THR A 340 -9.51 -22.65 4.26
C THR A 340 -8.33 -22.27 5.14
N ASN A 341 -7.13 -22.71 4.77
CA ASN A 341 -5.95 -22.49 5.61
C ASN A 341 -5.07 -21.29 5.24
N PHE A 342 -5.49 -20.49 4.25
CA PHE A 342 -4.87 -19.18 4.07
C PHE A 342 -4.97 -18.52 5.44
N SER A 343 -3.85 -18.01 5.97
CA SER A 343 -3.83 -17.48 7.33
C SER A 343 -4.75 -16.28 7.46
N LEU A 344 -4.79 -15.44 6.42
CA LEU A 344 -5.65 -14.27 6.43
C LEU A 344 -7.10 -14.71 6.65
N THR A 345 -7.55 -15.67 5.87
CA THR A 345 -8.91 -16.21 5.98
C THR A 345 -9.14 -16.81 7.36
N TYR A 346 -8.21 -17.62 7.83
CA TYR A 346 -8.43 -18.29 9.11
C TYR A 346 -8.63 -17.27 10.23
N PHE A 347 -7.72 -16.31 10.33
CA PHE A 347 -7.78 -15.29 11.38
C PHE A 347 -8.93 -14.29 11.26
N CYS A 348 -9.41 -14.08 10.04
CA CYS A 348 -10.63 -13.30 9.88
C CYS A 348 -11.78 -14.04 10.57
N VAL A 349 -11.93 -15.33 10.25
CA VAL A 349 -13.04 -16.12 10.77
C VAL A 349 -12.89 -16.32 12.29
N ALA A 350 -11.69 -16.71 12.72
CA ALA A 350 -11.39 -16.86 14.14
C ALA A 350 -11.68 -15.56 14.89
N GLY A 351 -11.41 -14.43 14.24
CA GLY A 351 -11.63 -13.14 14.84
C GLY A 351 -13.09 -12.80 15.06
N ASP A 352 -13.93 -13.12 14.09
CA ASP A 352 -15.36 -12.85 14.20
C ASP A 352 -16.03 -13.82 15.19
N VAL A 353 -15.61 -15.08 15.19
CA VAL A 353 -16.21 -16.06 16.10
C VAL A 353 -15.92 -15.73 17.55
N GLU A 354 -14.64 -15.55 17.88
CA GLU A 354 -14.24 -15.21 19.23
C GLU A 354 -14.78 -13.83 19.63
N GLY A 355 -14.81 -12.90 18.67
CA GLY A 355 -15.31 -11.56 18.92
C GLY A 355 -16.76 -11.59 19.39
N ALA A 356 -17.52 -12.52 18.84
CA ALA A 356 -18.92 -12.70 19.23
C ALA A 356 -19.04 -13.68 20.41
N ARG A 357 -17.91 -14.10 20.95
CA ARG A 357 -17.86 -14.98 22.12
C ARG A 357 -18.65 -16.25 21.86
N ILE A 358 -18.32 -16.93 20.76
CA ILE A 358 -19.00 -18.15 20.36
C ILE A 358 -18.02 -19.31 20.44
N PRO A 359 -18.20 -20.19 21.43
CA PRO A 359 -17.38 -21.41 21.43
C PRO A 359 -17.65 -22.20 20.16
N ALA A 360 -16.63 -22.79 19.55
CA ALA A 360 -16.79 -23.33 18.20
C ALA A 360 -15.55 -24.04 17.71
N TYR A 361 -15.71 -24.85 16.67
CA TYR A 361 -14.58 -25.46 15.96
C TYR A 361 -14.43 -24.79 14.60
N ILE A 362 -13.19 -24.54 14.19
CA ILE A 362 -12.90 -24.00 12.86
C ILE A 362 -11.99 -24.97 12.11
N LEU A 363 -12.34 -25.27 10.85
CA LEU A 363 -11.66 -26.31 10.09
C LEU A 363 -11.04 -25.73 8.82
N PRO A 364 -9.79 -25.26 8.90
CA PRO A 364 -9.02 -24.70 7.78
C PRO A 364 -8.51 -25.76 6.81
N VAL A 365 -9.34 -26.14 5.86
CA VAL A 365 -8.96 -27.12 4.85
C VAL A 365 -7.70 -26.66 4.14
N ASP A 366 -6.88 -27.59 3.67
CA ASP A 366 -5.58 -27.21 3.18
C ASP A 366 -5.74 -26.89 1.69
N THR A 367 -5.68 -25.60 1.42
CA THR A 367 -5.71 -25.02 0.09
C THR A 367 -4.33 -24.57 -0.43
N ASP A 368 -3.29 -24.87 0.34
CA ASP A 368 -1.96 -24.31 0.10
C ASP A 368 -1.95 -22.82 0.39
N GLY A 369 -2.76 -22.42 1.37
CA GLY A 369 -2.77 -21.05 1.82
C GLY A 369 -3.56 -20.10 0.93
N THR A 370 -4.59 -20.60 0.26
CA THR A 370 -5.40 -19.74 -0.59
C THR A 370 -6.78 -19.47 -0.01
N SER A 371 -7.30 -18.30 -0.36
CA SER A 371 -8.56 -17.77 0.15
C SER A 371 -9.74 -18.61 -0.35
N VAL A 372 -10.90 -18.47 0.29
CA VAL A 372 -12.08 -19.26 -0.05
C VAL A 372 -12.32 -19.30 -1.56
N LEU A 373 -12.59 -18.15 -2.17
CA LEU A 373 -12.93 -18.12 -3.61
C LEU A 373 -11.74 -18.37 -4.54
N THR A 374 -10.54 -18.02 -4.10
CA THR A 374 -9.32 -18.38 -4.83
C THR A 374 -9.15 -19.91 -4.93
N ALA A 375 -9.25 -20.59 -3.80
CA ALA A 375 -9.10 -22.03 -3.77
C ALA A 375 -10.24 -22.70 -4.54
N TRP A 376 -11.45 -22.16 -4.40
CA TRP A 376 -12.58 -22.70 -5.14
C TRP A 376 -12.29 -22.60 -6.65
N ALA A 377 -11.93 -21.41 -7.12
CA ALA A 377 -11.71 -21.23 -8.55
C ALA A 377 -10.56 -22.11 -9.04
N ALA A 378 -9.63 -22.41 -8.14
CA ALA A 378 -8.44 -23.19 -8.50
C ALA A 378 -8.65 -24.71 -8.45
N GLY A 379 -9.86 -25.12 -8.10
CA GLY A 379 -10.14 -26.53 -7.90
C GLY A 379 -9.49 -27.09 -6.63
N LYS A 380 -9.08 -26.20 -5.72
CA LYS A 380 -8.53 -26.64 -4.43
C LYS A 380 -9.45 -26.67 -3.20
N PHE A 381 -10.68 -26.16 -3.29
CA PHE A 381 -11.64 -26.41 -2.22
C PHE A 381 -12.74 -27.24 -2.88
N THR A 382 -12.63 -28.57 -2.83
CA THR A 382 -13.62 -29.48 -3.41
C THR A 382 -14.62 -30.05 -2.42
N PRO A 383 -15.79 -30.50 -2.90
CA PRO A 383 -16.60 -31.37 -2.03
C PRO A 383 -15.80 -32.57 -1.51
N GLU A 384 -14.93 -33.14 -2.34
CA GLU A 384 -14.15 -34.33 -1.95
C GLU A 384 -13.13 -33.97 -0.86
N LYS A 385 -12.45 -32.85 -1.04
CA LYS A 385 -11.43 -32.40 -0.10
C LYS A 385 -12.03 -32.11 1.27
N ILE A 386 -13.09 -31.30 1.29
CA ILE A 386 -13.76 -30.93 2.52
C ILE A 386 -14.36 -32.16 3.21
N ALA A 387 -14.84 -33.11 2.39
CA ALA A 387 -15.44 -34.32 2.92
C ALA A 387 -14.41 -35.16 3.67
N GLN A 388 -13.20 -35.23 3.12
CA GLN A 388 -12.08 -35.90 3.76
C GLN A 388 -11.75 -35.28 5.12
N PHE A 389 -11.67 -33.95 5.16
CA PHE A 389 -11.39 -33.25 6.41
C PHE A 389 -12.43 -33.63 7.49
N LEU A 390 -13.71 -33.61 7.13
CA LEU A 390 -14.78 -33.99 8.06
C LEU A 390 -14.58 -35.39 8.60
N LYS A 391 -14.17 -36.30 7.73
CA LYS A 391 -13.99 -37.70 8.12
C LYS A 391 -12.71 -38.02 8.90
N GLU A 392 -11.56 -37.53 8.45
CA GLU A 392 -10.29 -37.89 9.08
C GLU A 392 -9.67 -36.89 10.07
N SER A 393 -10.34 -35.76 10.32
CA SER A 393 -9.77 -34.76 11.22
C SER A 393 -10.00 -35.10 12.69
N GLY A 394 -10.98 -35.96 12.96
CA GLY A 394 -11.35 -36.29 14.31
C GLY A 394 -12.47 -35.43 14.88
N ILE A 395 -12.91 -34.43 14.12
CA ILE A 395 -14.04 -33.61 14.55
C ILE A 395 -15.27 -34.46 14.84
N ALA A 396 -15.39 -35.59 14.16
CA ALA A 396 -16.57 -36.45 14.31
C ALA A 396 -16.67 -36.99 15.74
N GLU A 397 -15.53 -37.16 16.40
CA GLU A 397 -15.53 -37.59 17.79
C GLU A 397 -15.62 -36.42 18.79
N LYS A 398 -15.38 -35.20 18.32
CA LYS A 398 -15.49 -34.02 19.19
C LYS A 398 -16.90 -33.46 19.31
N VAL A 399 -17.79 -33.78 18.39
CA VAL A 399 -19.14 -33.25 18.48
C VAL A 399 -20.20 -34.34 18.41
N ASN A 400 -21.31 -34.09 19.09
CA ASN A 400 -22.45 -34.98 19.10
C ASN A 400 -23.23 -34.89 17.79
N HIS A 401 -23.34 -33.68 17.25
CA HIS A 401 -24.17 -33.51 16.05
C HIS A 401 -23.38 -33.82 14.78
N ARG A 402 -24.10 -33.89 13.67
CA ARG A 402 -23.58 -34.07 12.31
C ARG A 402 -23.53 -32.85 11.35
N LYS A 403 -23.78 -31.66 11.87
CA LYS A 403 -23.89 -30.44 11.04
C LYS A 403 -22.56 -29.67 10.87
N ALA A 404 -22.27 -29.21 9.65
CA ALA A 404 -21.12 -28.35 9.38
C ALA A 404 -21.51 -27.17 8.47
N ILE A 405 -20.86 -26.03 8.64
CA ILE A 405 -21.30 -24.77 8.05
C ILE A 405 -20.29 -24.26 7.02
N LEU A 406 -20.74 -24.06 5.78
CA LEU A 406 -19.88 -23.60 4.69
C LEU A 406 -19.81 -22.08 4.58
N PRO A 407 -18.71 -21.56 4.03
CA PRO A 407 -18.74 -20.13 3.67
C PRO A 407 -19.84 -19.87 2.65
N GLY A 408 -20.58 -18.78 2.84
CA GLY A 408 -21.68 -18.46 1.96
C GLY A 408 -21.27 -18.34 0.50
N GLY A 409 -20.00 -18.04 0.25
CA GLY A 409 -19.54 -17.82 -1.12
C GLY A 409 -19.32 -19.09 -1.91
N VAL A 410 -19.17 -20.21 -1.19
CA VAL A 410 -19.08 -21.56 -1.78
C VAL A 410 -20.38 -22.39 -1.78
N ALA A 411 -21.51 -21.77 -1.50
CA ALA A 411 -22.75 -22.50 -1.26
C ALA A 411 -23.03 -23.60 -2.29
N VAL A 412 -22.61 -23.42 -3.53
CA VAL A 412 -22.86 -24.41 -4.59
C VAL A 412 -22.24 -25.77 -4.32
N LEU A 413 -21.34 -25.84 -3.34
CA LEU A 413 -20.69 -27.11 -2.98
C LEU A 413 -21.56 -28.02 -2.09
N SER A 414 -22.59 -27.47 -1.46
CA SER A 414 -23.21 -28.11 -0.29
C SER A 414 -23.81 -29.49 -0.58
N GLY A 415 -24.54 -29.63 -1.68
CA GLY A 415 -25.18 -30.88 -2.03
C GLY A 415 -24.23 -32.04 -2.14
N LYS A 416 -23.19 -31.88 -2.96
CA LYS A 416 -22.22 -32.94 -3.17
C LYS A 416 -21.44 -33.27 -1.89
N LEU A 417 -21.14 -32.25 -1.09
CA LEU A 417 -20.44 -32.44 0.17
C LEU A 417 -21.27 -33.27 1.13
N GLN A 418 -22.56 -33.00 1.17
CA GLN A 418 -23.46 -33.76 2.03
C GLN A 418 -23.52 -35.22 1.61
N GLU A 419 -23.42 -35.49 0.31
CA GLU A 419 -23.50 -36.86 -0.19
C GLU A 419 -22.22 -37.64 0.09
N LEU A 420 -21.08 -36.96 -0.05
CA LEU A 420 -19.78 -37.58 0.18
C LEU A 420 -19.46 -37.73 1.66
N SER A 421 -19.70 -36.68 2.45
CA SER A 421 -19.31 -36.66 3.86
C SER A 421 -20.27 -37.42 4.77
N GLY A 422 -21.56 -37.37 4.45
CA GLY A 422 -22.57 -37.91 5.34
C GLY A 422 -22.98 -36.92 6.42
N TRP A 423 -22.51 -35.68 6.31
CA TRP A 423 -22.86 -34.62 7.25
C TRP A 423 -23.94 -33.73 6.66
N GLU A 424 -24.85 -33.25 7.50
CA GLU A 424 -25.80 -32.23 7.06
C GLU A 424 -25.06 -30.91 6.87
N ILE A 425 -25.13 -30.35 5.66
CA ILE A 425 -24.34 -29.16 5.33
C ILE A 425 -25.20 -27.90 5.36
N LEU A 426 -24.82 -26.97 6.21
CA LEU A 426 -25.51 -25.68 6.29
C LEU A 426 -24.69 -24.65 5.51
N VAL A 427 -25.37 -23.74 4.83
CA VAL A 427 -24.67 -22.66 4.15
C VAL A 427 -24.75 -21.42 5.02
N GLY A 428 -23.59 -20.94 5.47
CA GLY A 428 -23.53 -19.76 6.32
C GLY A 428 -23.52 -18.49 5.48
N PRO A 429 -23.34 -17.34 6.14
CA PRO A 429 -23.25 -16.07 5.42
C PRO A 429 -21.99 -15.95 4.55
N ARG A 430 -22.06 -15.13 3.50
CA ARG A 430 -20.90 -14.85 2.66
C ARG A 430 -19.75 -14.23 3.45
N GLU A 431 -20.07 -13.33 4.36
CA GLU A 431 -19.05 -12.70 5.18
C GLU A 431 -19.09 -13.27 6.60
N SER A 432 -17.93 -13.50 7.19
CA SER A 432 -17.86 -14.04 8.55
C SER A 432 -18.43 -13.05 9.56
N SER A 433 -18.53 -11.79 9.17
CA SER A 433 -19.11 -10.79 10.04
C SER A 433 -20.59 -11.12 10.32
N GLY A 434 -21.18 -11.96 9.46
CA GLY A 434 -22.55 -12.41 9.68
C GLY A 434 -22.69 -13.64 10.56
N ILE A 435 -21.57 -14.24 10.96
CA ILE A 435 -21.63 -15.48 11.76
C ILE A 435 -22.39 -15.30 13.06
N ASN A 436 -22.07 -14.25 13.81
CA ASN A 436 -22.72 -14.00 15.09
C ASN A 436 -24.24 -14.13 14.97
N SER A 437 -24.81 -13.48 13.97
CA SER A 437 -26.25 -13.45 13.79
C SER A 437 -26.80 -14.79 13.30
N PHE A 438 -26.05 -15.45 12.44
CA PHE A 438 -26.42 -16.77 11.93
C PHE A 438 -26.57 -17.77 13.09
N ILE A 439 -25.56 -17.80 13.95
CA ILE A 439 -25.55 -18.68 15.12
C ILE A 439 -26.73 -18.39 16.04
N LYS A 440 -26.91 -17.13 16.42
CA LYS A 440 -28.03 -16.71 17.24
C LYS A 440 -29.36 -17.17 16.69
N GLN A 441 -29.58 -16.93 15.41
CA GLN A 441 -30.88 -17.20 14.79
C GLN A 441 -31.11 -18.64 14.35
N ARG A 442 -30.10 -19.22 13.73
CA ARG A 442 -30.20 -20.55 13.16
C ARG A 442 -29.57 -21.75 13.91
N TRP A 443 -28.90 -21.53 15.03
CA TRP A 443 -28.19 -22.62 15.70
C TRP A 443 -28.73 -22.82 17.13
N ASN A 444 -28.74 -21.90 17.95
N ALA B 2 27.48 18.64 -10.12
CA ALA B 2 26.09 18.45 -9.75
C ALA B 2 25.68 16.99 -9.91
N VAL B 3 24.52 16.63 -9.36
CA VAL B 3 23.95 15.31 -9.56
C VAL B 3 23.17 15.28 -10.89
N GLU B 4 23.40 14.24 -11.68
CA GLU B 4 22.67 14.10 -12.93
C GLU B 4 21.44 13.26 -12.63
N VAL B 5 20.29 13.92 -12.67
CA VAL B 5 19.00 13.27 -12.50
C VAL B 5 18.88 12.16 -13.54
N LEU B 6 18.53 10.96 -13.08
CA LEU B 6 18.42 9.83 -13.99
C LEU B 6 17.05 9.83 -14.63
N LYS B 7 17.04 9.99 -15.95
CA LYS B 7 15.81 10.08 -16.74
C LYS B 7 15.69 8.88 -17.65
N GLU B 8 14.67 8.06 -17.43
CA GLU B 8 14.41 6.92 -18.28
C GLU B 8 13.99 7.44 -19.64
N LYS B 9 14.34 6.73 -20.70
CA LYS B 9 13.78 7.03 -22.00
C LYS B 9 12.75 5.94 -22.28
N TRP B 10 11.47 6.28 -22.17
CA TRP B 10 10.40 5.31 -22.35
C TRP B 10 10.02 5.23 -23.82
N ASN B 11 9.84 4.03 -24.33
CA ASN B 11 9.51 3.83 -25.74
C ASN B 11 8.11 4.31 -26.16
N SER B 12 7.15 4.30 -25.23
CA SER B 12 5.72 4.35 -25.58
C SER B 12 4.85 4.97 -24.46
N LYS B 13 3.53 4.79 -24.54
CA LYS B 13 2.60 5.49 -23.66
C LYS B 13 1.31 4.71 -23.46
N VAL B 14 0.62 5.02 -22.36
CA VAL B 14 -0.75 4.59 -22.17
C VAL B 14 -1.66 5.39 -23.09
N VAL B 15 -2.54 4.71 -23.82
CA VAL B 15 -3.46 5.43 -24.72
C VAL B 15 -4.37 6.33 -23.90
N GLU B 16 -4.82 7.41 -24.53
CA GLU B 16 -5.77 8.33 -23.92
C GLU B 16 -7.18 7.91 -24.30
N VAL B 17 -7.99 7.62 -23.30
CA VAL B 17 -9.38 7.24 -23.53
C VAL B 17 -10.27 8.43 -23.16
N THR B 18 -11.28 8.68 -23.99
CA THR B 18 -12.23 9.73 -23.70
C THR B 18 -13.57 9.10 -23.38
N LEU B 19 -14.17 9.52 -22.27
CA LEU B 19 -15.48 9.05 -21.86
C LEU B 19 -16.46 10.20 -22.01
N GLY B 20 -17.71 9.86 -22.30
CA GLY B 20 -18.70 10.91 -22.47
C GLY B 20 -18.56 11.51 -23.85
N THR B 21 -19.31 12.57 -24.10
CA THR B 21 -19.41 13.14 -25.43
C THR B 21 -19.77 14.60 -25.27
N GLY B 22 -19.52 15.42 -26.29
CA GLY B 22 -19.85 16.83 -26.20
C GLY B 22 -19.21 17.58 -25.04
N ASP B 23 -20.02 18.22 -24.22
CA ASP B 23 -19.55 18.97 -23.05
C ASP B 23 -19.45 18.08 -21.81
N LYS B 24 -19.79 16.80 -21.97
CA LYS B 24 -19.73 15.83 -20.88
C LYS B 24 -18.45 14.99 -20.82
N THR B 25 -17.45 15.28 -21.64
CA THR B 25 -16.30 14.38 -21.75
C THR B 25 -15.30 14.44 -20.57
N VAL B 26 -14.60 13.33 -20.35
CA VAL B 26 -13.49 13.28 -19.42
C VAL B 26 -12.43 12.41 -20.06
N THR B 27 -11.18 12.88 -20.06
CA THR B 27 -10.08 12.15 -20.68
C THR B 27 -9.18 11.55 -19.60
N LEU B 28 -8.61 10.39 -19.87
CA LEU B 28 -7.70 9.78 -18.91
C LEU B 28 -6.74 8.89 -19.64
N GLY B 29 -5.62 8.61 -18.99
CA GLY B 29 -4.52 7.91 -19.64
C GLY B 29 -3.63 8.92 -20.32
N GLY B 30 -2.95 8.47 -21.37
CA GLY B 30 -2.04 9.31 -22.12
C GLY B 30 -0.63 9.35 -21.55
N ASP B 31 -0.36 8.62 -20.46
CA ASP B 31 0.92 8.74 -19.76
C ASP B 31 2.11 8.15 -20.55
N SER B 32 3.10 8.99 -20.78
CA SER B 32 4.42 8.63 -21.28
C SER B 32 5.47 8.47 -20.18
N THR B 33 5.05 8.50 -18.92
CA THR B 33 5.98 8.28 -17.81
C THR B 33 5.33 7.53 -16.65
N LEU B 34 6.12 7.21 -15.62
CA LEU B 34 5.58 6.60 -14.41
C LEU B 34 4.87 7.71 -13.66
N PRO B 35 4.00 7.35 -12.70
CA PRO B 35 3.16 8.38 -12.09
C PRO B 35 3.96 9.55 -11.54
N PHE B 36 3.56 10.76 -11.95
CA PHE B 36 4.15 11.98 -11.42
C PHE B 36 5.60 12.24 -11.84
N LEU B 37 6.27 11.36 -12.58
CA LEU B 37 7.65 11.73 -12.82
C LEU B 37 7.60 12.40 -14.17
N THR B 38 7.46 13.72 -14.12
CA THR B 38 7.17 14.48 -15.31
C THR B 38 8.46 15.07 -15.84
N PHE B 39 9.56 14.74 -15.16
CA PHE B 39 10.87 15.13 -15.64
C PHE B 39 11.36 14.19 -16.74
N GLU B 40 10.82 12.98 -16.75
CA GLU B 40 11.10 11.99 -17.80
C GLU B 40 10.04 11.73 -18.88
N GLY B 41 8.95 12.46 -18.86
CA GLY B 41 7.83 12.19 -19.77
C GLY B 41 6.62 13.01 -19.37
N GLU B 42 5.45 12.68 -19.91
CA GLU B 42 4.26 13.50 -19.75
C GLU B 42 3.12 12.78 -19.04
N MET B 43 2.36 13.58 -18.28
CA MET B 43 1.11 13.18 -17.66
C MET B 43 -0.02 14.10 -18.16
N PRO B 44 -0.49 13.88 -19.39
CA PRO B 44 -1.54 14.77 -19.93
C PRO B 44 -2.80 14.85 -19.06
N ASN B 45 -3.06 13.82 -18.24
CA ASN B 45 -4.26 13.78 -17.41
C ASN B 45 -3.93 13.35 -15.99
N PRO B 46 -4.60 13.94 -15.00
CA PRO B 46 -4.46 13.35 -13.66
C PRO B 46 -5.32 12.09 -13.53
N PRO B 47 -5.22 11.41 -12.38
CA PRO B 47 -6.19 10.35 -12.05
C PRO B 47 -7.61 10.91 -11.98
N ARG B 48 -8.62 10.09 -12.25
CA ARG B 48 -10.01 10.54 -12.19
C ARG B 48 -10.82 9.68 -11.23
N PHE B 49 -11.96 10.22 -10.79
CA PHE B 49 -12.69 9.65 -9.67
C PHE B 49 -14.19 9.58 -9.91
N ALA B 50 -14.76 8.41 -9.64
CA ALA B 50 -16.21 8.23 -9.62
C ALA B 50 -16.69 7.97 -8.19
N LEU B 51 -17.94 8.33 -7.92
CA LEU B 51 -18.63 7.85 -6.71
C LEU B 51 -19.77 6.95 -7.17
N GLU B 52 -20.14 5.97 -6.35
CA GLU B 52 -21.16 4.97 -6.72
C GLU B 52 -22.61 5.37 -6.40
N VAL B 53 -23.52 4.94 -7.27
CA VAL B 53 -24.96 5.15 -7.07
C VAL B 53 -25.64 3.83 -7.37
N PHE B 54 -26.35 3.26 -6.39
CA PHE B 54 -27.13 2.04 -6.65
C PHE B 54 -28.50 2.45 -7.18
N ASP B 55 -29.03 1.69 -8.13
CA ASP B 55 -30.32 2.07 -8.72
C ASP B 55 -31.45 1.91 -7.70
N THR B 56 -31.35 0.88 -6.85
CA THR B 56 -32.21 0.77 -5.67
C THR B 56 -31.30 0.77 -4.44
N PRO B 57 -31.78 1.34 -3.32
CA PRO B 57 -30.94 1.64 -2.14
C PRO B 57 -30.17 0.44 -1.58
N PRO B 58 -28.94 0.67 -1.08
CA PRO B 58 -28.08 -0.35 -0.47
C PRO B 58 -28.69 -0.86 0.83
N THR B 59 -28.77 -2.16 1.02
CA THR B 59 -29.24 -2.71 2.29
C THR B 59 -28.21 -3.15 3.34
N ASP B 60 -26.95 -3.31 2.94
CA ASP B 60 -25.83 -3.63 3.86
C ASP B 60 -24.82 -2.55 4.26
N TRP B 61 -25.00 -1.30 3.83
CA TRP B 61 -23.96 -0.27 4.06
C TRP B 61 -23.81 0.13 5.53
N PRO B 62 -22.55 0.41 5.95
CA PRO B 62 -22.29 1.00 7.28
C PRO B 62 -22.96 2.37 7.43
N ASP B 63 -23.40 2.70 8.63
CA ASP B 63 -24.08 3.97 8.89
C ASP B 63 -23.22 5.15 8.45
N ILE B 64 -21.91 5.07 8.68
CA ILE B 64 -21.02 6.16 8.35
C ILE B 64 -20.94 6.36 6.84
N LEU B 65 -21.19 5.30 6.08
CA LEU B 65 -21.22 5.39 4.63
C LEU B 65 -22.54 5.97 4.12
N VAL B 66 -23.65 5.61 4.76
CA VAL B 66 -24.97 6.01 4.28
C VAL B 66 -25.22 7.48 4.58
N GLU B 67 -24.68 7.97 5.69
CA GLU B 67 -24.99 9.33 6.18
C GLU B 67 -24.80 10.43 5.14
N PRO B 68 -23.63 10.48 4.48
CA PRO B 68 -23.40 11.55 3.50
C PRO B 68 -24.46 11.57 2.37
N PHE B 69 -25.03 10.41 2.09
CA PHE B 69 -26.12 10.27 1.11
C PHE B 69 -27.57 10.18 1.63
N LYS B 70 -27.80 10.33 2.93
CA LYS B 70 -29.08 9.92 3.52
C LYS B 70 -30.31 10.60 2.89
N ASP B 71 -30.15 11.85 2.47
CA ASP B 71 -31.24 12.61 1.84
C ASP B 71 -31.53 12.19 0.38
N VAL B 72 -30.51 11.79 -0.35
CA VAL B 72 -30.67 11.33 -1.73
C VAL B 72 -30.65 9.82 -2.01
N ILE B 73 -30.43 8.99 -0.99
CA ILE B 73 -30.00 7.60 -1.23
C ILE B 73 -31.05 6.69 -1.86
N ASN B 74 -32.32 7.09 -1.85
CA ASN B 74 -33.39 6.30 -2.48
C ASN B 74 -33.74 6.74 -3.91
N ASP B 75 -33.06 7.77 -4.40
CA ASP B 75 -33.36 8.38 -5.70
C ASP B 75 -32.08 8.49 -6.51
N PRO B 76 -31.83 7.49 -7.38
CA PRO B 76 -30.55 7.37 -8.13
C PRO B 76 -30.22 8.60 -8.99
N VAL B 77 -31.24 9.34 -9.43
CA VAL B 77 -31.02 10.61 -10.11
C VAL B 77 -30.52 11.69 -9.15
N ALA B 78 -31.24 11.89 -8.05
CA ALA B 78 -30.83 12.91 -7.07
C ALA B 78 -29.47 12.55 -6.46
N TRP B 79 -29.24 11.25 -6.28
CA TRP B 79 -28.01 10.74 -5.69
C TRP B 79 -26.83 11.09 -6.60
N ALA B 80 -27.00 10.82 -7.89
CA ALA B 80 -25.97 11.09 -8.89
C ALA B 80 -25.63 12.58 -8.93
N LYS B 81 -26.64 13.44 -8.87
CA LYS B 81 -26.39 14.87 -8.84
C LYS B 81 -25.53 15.24 -7.65
N LYS B 82 -25.78 14.57 -6.51
CA LYS B 82 -25.02 14.91 -5.30
C LYS B 82 -23.58 14.41 -5.39
N CYS B 83 -23.38 13.28 -6.07
CA CYS B 83 -22.03 12.78 -6.33
C CYS B 83 -21.23 13.86 -7.06
N VAL B 84 -21.82 14.40 -8.14
CA VAL B 84 -21.16 15.47 -8.90
C VAL B 84 -20.88 16.66 -8.01
N GLU B 85 -21.84 17.01 -7.15
CA GLU B 85 -21.63 18.13 -6.22
C GLU B 85 -20.56 17.81 -5.17
N TYR B 86 -20.32 16.52 -4.95
CA TYR B 86 -19.30 16.05 -4.01
C TYR B 86 -17.91 16.02 -4.67
N GLY B 87 -17.89 16.32 -5.98
CA GLY B 87 -16.65 16.45 -6.71
C GLY B 87 -16.26 15.29 -7.60
N ALA B 88 -17.19 14.38 -7.88
CA ALA B 88 -16.90 13.22 -8.72
C ALA B 88 -16.76 13.63 -10.19
N ASP B 89 -15.72 13.11 -10.85
CA ASP B 89 -15.50 13.33 -12.28
C ASP B 89 -16.52 12.58 -13.12
N ILE B 90 -16.96 11.44 -12.59
CA ILE B 90 -17.76 10.47 -13.31
C ILE B 90 -18.69 9.80 -12.32
N VAL B 91 -19.91 9.46 -12.74
CA VAL B 91 -20.83 8.74 -11.85
C VAL B 91 -20.90 7.27 -12.22
N ALA B 92 -20.77 6.40 -11.23
CA ALA B 92 -20.85 4.96 -11.49
C ALA B 92 -22.17 4.44 -10.95
N LEU B 93 -23.07 4.07 -11.87
CA LEU B 93 -24.37 3.55 -11.50
C LEU B 93 -24.28 2.03 -11.49
N ARG B 94 -24.50 1.43 -10.32
CA ARG B 94 -24.48 -0.03 -10.22
C ARG B 94 -25.92 -0.52 -10.19
N LEU B 95 -26.28 -1.45 -11.06
CA LEU B 95 -27.68 -1.81 -11.09
C LEU B 95 -27.83 -3.12 -10.31
N VAL B 96 -28.18 -2.95 -9.04
CA VAL B 96 -28.26 -4.05 -8.12
C VAL B 96 -29.61 -4.73 -8.27
N SER B 97 -30.59 -3.94 -8.69
CA SER B 97 -31.97 -4.39 -8.83
C SER B 97 -32.11 -5.43 -9.93
N ALA B 98 -31.12 -5.47 -10.82
CA ALA B 98 -31.14 -6.39 -11.94
C ALA B 98 -30.93 -7.82 -11.47
N HIS B 99 -30.45 -7.98 -10.24
CA HIS B 99 -30.08 -9.29 -9.74
C HIS B 99 -31.25 -10.27 -9.77
N PRO B 100 -31.03 -11.48 -10.30
CA PRO B 100 -32.10 -12.48 -10.45
C PRO B 100 -32.71 -12.95 -9.14
N ASP B 101 -31.96 -12.89 -8.04
CA ASP B 101 -32.48 -13.26 -6.73
C ASP B 101 -32.95 -12.03 -5.97
N GLY B 102 -32.75 -10.87 -6.58
CA GLY B 102 -33.24 -9.60 -6.08
C GLY B 102 -34.51 -9.20 -6.80
N GLN B 103 -34.70 -7.90 -6.99
CA GLN B 103 -35.89 -7.42 -7.68
C GLN B 103 -35.94 -7.93 -9.13
N ASN B 104 -34.78 -8.31 -9.67
CA ASN B 104 -34.69 -8.93 -10.99
C ASN B 104 -35.26 -8.10 -12.14
N ARG B 105 -35.00 -6.80 -12.13
CA ARG B 105 -35.58 -5.91 -13.12
C ARG B 105 -35.07 -6.22 -14.52
N SER B 106 -35.85 -5.85 -15.54
CA SER B 106 -35.56 -6.26 -16.91
C SER B 106 -34.65 -5.29 -17.65
N GLY B 107 -34.31 -5.64 -18.89
CA GLY B 107 -33.50 -4.78 -19.72
C GLY B 107 -34.19 -3.45 -19.97
N ALA B 108 -35.44 -3.51 -20.40
CA ALA B 108 -36.20 -2.31 -20.73
C ALA B 108 -36.29 -1.37 -19.54
N GLU B 109 -36.59 -1.93 -18.37
CA GLU B 109 -36.76 -1.14 -17.15
C GLU B 109 -35.45 -0.48 -16.76
N LEU B 110 -34.39 -1.27 -16.67
CA LEU B 110 -33.08 -0.75 -16.32
C LEU B 110 -32.64 0.31 -17.33
N ALA B 111 -32.98 0.10 -18.59
CA ALA B 111 -32.59 1.02 -19.66
C ALA B 111 -33.12 2.41 -19.38
N GLU B 112 -34.36 2.48 -18.92
CA GLU B 112 -35.00 3.76 -18.62
CA GLU B 112 -35.02 3.76 -18.62
C GLU B 112 -34.35 4.46 -17.44
N VAL B 113 -34.02 3.71 -16.39
CA VAL B 113 -33.35 4.32 -15.25
C VAL B 113 -31.96 4.80 -15.64
N CYS B 114 -31.28 4.04 -16.49
CA CYS B 114 -29.96 4.47 -16.97
C CYS B 114 -30.06 5.82 -17.71
N LYS B 115 -31.08 5.97 -18.55
CA LYS B 115 -31.27 7.23 -19.28
C LYS B 115 -31.54 8.38 -18.34
N ALA B 116 -32.31 8.14 -17.28
CA ALA B 116 -32.71 9.20 -16.38
C ALA B 116 -31.50 9.77 -15.66
N VAL B 117 -30.62 8.87 -15.21
CA VAL B 117 -29.40 9.29 -14.55
C VAL B 117 -28.50 10.05 -15.54
N ALA B 118 -28.23 9.44 -16.69
CA ALA B 118 -27.42 10.09 -17.71
C ALA B 118 -27.92 11.51 -17.97
N ASP B 119 -29.22 11.65 -18.19
CA ASP B 119 -29.85 12.92 -18.54
C ASP B 119 -29.72 14.02 -17.48
N ALA B 120 -29.61 13.63 -16.21
CA ALA B 120 -29.64 14.61 -15.13
C ALA B 120 -28.25 15.16 -14.75
N ILE B 121 -27.19 14.59 -15.31
CA ILE B 121 -25.84 14.94 -14.89
C ILE B 121 -25.00 15.51 -16.05
N ASP B 122 -23.98 16.30 -15.69
CA ASP B 122 -23.11 16.98 -16.66
C ASP B 122 -21.80 16.22 -16.95
N VAL B 123 -21.67 15.00 -16.43
CA VAL B 123 -20.46 14.19 -16.54
C VAL B 123 -20.73 12.81 -17.16
N PRO B 124 -19.67 12.11 -17.61
CA PRO B 124 -19.85 10.77 -18.18
C PRO B 124 -20.46 9.77 -17.18
N LEU B 125 -21.14 8.76 -17.71
CA LEU B 125 -21.77 7.74 -16.88
C LEU B 125 -21.16 6.36 -17.14
N MET B 126 -20.75 5.73 -16.04
CA MET B 126 -20.27 4.37 -16.02
C MET B 126 -21.42 3.50 -15.51
N ILE B 127 -21.66 2.36 -16.16
CA ILE B 127 -22.76 1.50 -15.79
C ILE B 127 -22.26 0.11 -15.44
N ILE B 128 -22.54 -0.32 -14.21
CA ILE B 128 -22.09 -1.61 -13.72
C ILE B 128 -23.29 -2.55 -13.59
N GLY B 129 -23.12 -3.81 -13.98
CA GLY B 129 -24.20 -4.77 -13.90
C GLY B 129 -24.41 -5.27 -12.49
N CYS B 130 -25.16 -6.37 -12.37
CA CYS B 130 -25.43 -6.98 -11.07
C CYS B 130 -24.39 -8.04 -10.75
N GLY B 131 -23.54 -8.37 -11.72
CA GLY B 131 -22.46 -9.31 -11.47
C GLY B 131 -22.78 -10.74 -11.85
N VAL B 132 -24.01 -10.99 -12.28
CA VAL B 132 -24.38 -12.29 -12.78
C VAL B 132 -24.30 -12.23 -14.31
N GLU B 133 -23.35 -12.96 -14.89
CA GLU B 133 -23.01 -12.81 -16.30
C GLU B 133 -24.20 -13.01 -17.23
N GLU B 134 -24.99 -14.06 -17.00
CA GLU B 134 -26.11 -14.36 -17.88
C GLU B 134 -27.10 -13.20 -17.92
N LYS B 135 -27.34 -12.59 -16.77
CA LYS B 135 -28.27 -11.48 -16.68
C LYS B 135 -27.71 -10.20 -17.31
N ASP B 136 -26.43 -9.91 -17.03
CA ASP B 136 -25.77 -8.71 -17.53
C ASP B 136 -25.61 -8.73 -19.05
N ALA B 137 -25.45 -9.91 -19.62
CA ALA B 137 -25.28 -10.06 -21.05
C ALA B 137 -26.62 -9.82 -21.75
N GLU B 138 -27.69 -10.02 -21.00
CA GLU B 138 -29.03 -9.77 -21.50
C GLU B 138 -29.40 -8.28 -21.43
N ILE B 139 -29.07 -7.60 -20.34
CA ILE B 139 -29.48 -6.20 -20.15
C ILE B 139 -28.62 -5.16 -20.88
N PHE B 140 -27.33 -5.42 -21.05
CA PHE B 140 -26.45 -4.40 -21.63
C PHE B 140 -26.76 -4.07 -23.09
N PRO B 141 -27.08 -5.07 -23.91
CA PRO B 141 -27.42 -4.65 -25.27
C PRO B 141 -28.63 -3.71 -25.29
N VAL B 142 -29.56 -3.89 -24.35
CA VAL B 142 -30.77 -3.07 -24.29
C VAL B 142 -30.44 -1.69 -23.75
N ILE B 143 -29.62 -1.64 -22.71
CA ILE B 143 -29.21 -0.37 -22.10
C ILE B 143 -28.39 0.47 -23.08
N GLY B 144 -27.50 -0.18 -23.83
CA GLY B 144 -26.60 0.51 -24.73
C GLY B 144 -27.35 1.14 -25.87
N GLU B 145 -28.25 0.36 -26.48
CA GLU B 145 -29.15 0.89 -27.48
C GLU B 145 -29.94 2.08 -26.94
N ALA B 146 -30.44 1.97 -25.72
CA ALA B 146 -31.25 3.04 -25.13
C ALA B 146 -30.43 4.31 -24.92
N LEU B 147 -29.15 4.12 -24.62
CA LEU B 147 -28.20 5.21 -24.40
C LEU B 147 -27.36 5.57 -25.63
N SER B 148 -27.71 5.01 -26.78
CA SER B 148 -26.86 5.03 -27.95
C SER B 148 -26.30 6.44 -28.18
N GLY B 149 -24.98 6.51 -28.37
CA GLY B 149 -24.31 7.73 -28.75
C GLY B 149 -23.77 8.57 -27.60
N ARG B 150 -24.05 8.17 -26.37
CA ARG B 150 -23.63 8.96 -25.21
C ARG B 150 -22.22 8.65 -24.75
N ASN B 151 -21.64 7.57 -25.27
CA ASN B 151 -20.31 7.10 -24.86
C ASN B 151 -20.23 6.90 -23.33
N CYS B 152 -21.04 5.96 -22.85
CA CYS B 152 -20.98 5.47 -21.47
C CYS B 152 -19.88 4.42 -21.33
N LEU B 153 -19.39 4.26 -20.10
CA LEU B 153 -18.46 3.17 -19.79
C LEU B 153 -19.23 1.96 -19.25
N LEU B 154 -19.18 0.85 -19.98
CA LEU B 154 -19.95 -0.34 -19.62
C LEU B 154 -19.04 -1.34 -18.94
N SER B 155 -19.50 -1.81 -17.78
CA SER B 155 -18.69 -2.63 -16.90
C SER B 155 -19.45 -3.92 -16.61
N SER B 156 -18.93 -5.07 -17.01
CA SER B 156 -17.65 -5.19 -17.69
C SER B 156 -17.66 -6.41 -18.59
N ALA B 157 -16.55 -6.62 -19.30
CA ALA B 157 -16.39 -7.79 -20.14
C ALA B 157 -15.42 -8.74 -19.46
N THR B 158 -15.68 -10.04 -19.55
CA THR B 158 -14.78 -11.06 -19.03
C THR B 158 -14.49 -12.12 -20.07
N LYS B 159 -13.47 -12.93 -19.84
CA LYS B 159 -13.05 -13.94 -20.81
C LYS B 159 -14.22 -14.80 -21.29
N ASP B 160 -15.11 -15.17 -20.39
CA ASP B 160 -16.24 -16.01 -20.75
CA ASP B 160 -16.24 -16.02 -20.75
C ASP B 160 -17.54 -15.24 -21.00
N ASN B 161 -17.55 -13.93 -20.71
CA ASN B 161 -18.64 -13.10 -21.21
C ASN B 161 -18.12 -11.76 -21.73
N TYR B 162 -18.08 -11.61 -23.06
CA TYR B 162 -17.56 -10.39 -23.72
C TYR B 162 -18.43 -9.90 -24.88
N LYS B 163 -18.62 -10.75 -25.86
CA LYS B 163 -19.28 -10.39 -27.11
C LYS B 163 -20.55 -9.52 -26.97
N PRO B 164 -21.45 -9.85 -26.03
CA PRO B 164 -22.64 -8.98 -25.97
C PRO B 164 -22.31 -7.54 -25.61
N ILE B 165 -21.47 -7.35 -24.59
CA ILE B 165 -21.17 -6.00 -24.11
C ILE B 165 -20.27 -5.25 -25.11
N VAL B 166 -19.40 -5.97 -25.79
CA VAL B 166 -18.50 -5.35 -26.75
C VAL B 166 -19.28 -4.95 -28.01
N ALA B 167 -20.22 -5.81 -28.43
CA ALA B 167 -21.03 -5.51 -29.61
C ALA B 167 -21.88 -4.26 -29.38
N THR B 168 -22.41 -4.09 -28.18
CA THR B 168 -23.18 -2.89 -27.87
C THR B 168 -22.30 -1.65 -27.91
N CYS B 169 -21.04 -1.79 -27.47
CA CYS B 169 -20.10 -0.68 -27.49
C CYS B 169 -19.81 -0.23 -28.93
N MET B 170 -19.59 -1.19 -29.81
CA MET B 170 -19.28 -0.88 -31.21
C MET B 170 -20.48 -0.30 -31.96
N VAL B 171 -21.64 -0.93 -31.81
CA VAL B 171 -22.85 -0.47 -32.47
C VAL B 171 -23.26 0.90 -31.95
N HIS B 172 -23.36 1.03 -30.63
CA HIS B 172 -23.91 2.24 -30.01
C HIS B 172 -22.92 3.30 -29.48
N GLY B 173 -21.62 3.12 -29.71
CA GLY B 173 -20.66 4.16 -29.36
C GLY B 173 -20.33 4.27 -27.88
N HIS B 174 -20.04 3.14 -27.26
CA HIS B 174 -19.70 3.10 -25.85
C HIS B 174 -18.30 2.55 -25.67
N SER B 175 -17.75 2.77 -24.47
CA SER B 175 -16.43 2.30 -24.08
C SER B 175 -16.64 1.18 -23.07
N VAL B 176 -15.68 0.26 -22.98
CA VAL B 176 -15.85 -0.93 -22.16
C VAL B 176 -14.76 -1.10 -21.08
N VAL B 177 -15.14 -1.75 -19.98
CA VAL B 177 -14.18 -2.20 -18.98
C VAL B 177 -13.89 -3.67 -19.25
N ALA B 178 -12.62 -4.02 -19.29
CA ALA B 178 -12.21 -5.41 -19.48
C ALA B 178 -11.62 -5.93 -18.18
N SER B 179 -12.29 -6.91 -17.57
CA SER B 179 -11.90 -7.43 -16.26
C SER B 179 -11.23 -8.81 -16.36
N ALA B 180 -10.02 -8.91 -15.83
CA ALA B 180 -9.35 -10.19 -15.62
C ALA B 180 -8.71 -10.19 -14.23
N PRO B 181 -8.64 -11.36 -13.56
CA PRO B 181 -8.23 -11.58 -12.16
C PRO B 181 -6.71 -11.50 -11.88
N LEU B 182 -6.21 -10.30 -11.69
CA LEU B 182 -4.82 -10.01 -11.29
C LEU B 182 -3.85 -10.93 -12.00
N ASP B 183 -3.85 -10.90 -13.32
CA ASP B 183 -2.85 -11.63 -14.09
C ASP B 183 -2.56 -10.85 -15.36
N ILE B 184 -1.29 -10.58 -15.67
CA ILE B 184 -0.94 -9.81 -16.85
C ILE B 184 -1.38 -10.52 -18.12
N ASN B 185 -1.10 -11.82 -18.22
CA ASN B 185 -1.38 -12.55 -19.45
C ASN B 185 -2.86 -12.77 -19.68
N LEU B 186 -3.64 -12.90 -18.61
CA LEU B 186 -5.09 -13.01 -18.73
C LEU B 186 -5.67 -11.70 -19.25
N SER B 187 -5.19 -10.60 -18.68
CA SER B 187 -5.65 -9.29 -19.10
C SER B 187 -5.31 -9.04 -20.57
N LYS B 188 -4.13 -9.47 -20.99
CA LYS B 188 -3.72 -9.27 -22.39
C LYS B 188 -4.57 -10.12 -23.31
N GLN B 189 -4.86 -11.35 -22.90
CA GLN B 189 -5.58 -12.28 -23.75
C GLN B 189 -7.00 -11.80 -23.97
N LEU B 190 -7.55 -11.14 -22.96
CA LEU B 190 -8.89 -10.55 -23.04
C LEU B 190 -8.92 -9.25 -23.87
N ASN B 191 -7.87 -8.44 -23.78
CA ASN B 191 -7.77 -7.26 -24.64
C ASN B 191 -7.69 -7.67 -26.11
N ILE B 192 -7.00 -8.78 -26.38
CA ILE B 192 -6.80 -9.25 -27.74
C ILE B 192 -8.12 -9.69 -28.36
N MET B 193 -8.90 -10.45 -27.59
CA MET B 193 -10.19 -10.94 -28.06
C MET B 193 -11.10 -9.77 -28.35
N ILE B 194 -11.09 -8.77 -27.47
CA ILE B 194 -11.92 -7.59 -27.62
C ILE B 194 -11.55 -6.81 -28.88
N MET B 195 -10.25 -6.67 -29.13
CA MET B 195 -9.79 -5.85 -30.25
C MET B 195 -9.98 -6.60 -31.57
N GLU B 196 -10.13 -7.92 -31.47
CA GLU B 196 -10.41 -8.75 -32.64
C GLU B 196 -11.83 -8.52 -33.17
N MET B 197 -12.68 -7.94 -32.33
CA MET B 197 -14.02 -7.52 -32.74
C MET B 197 -14.00 -6.11 -33.33
N ASN B 198 -12.80 -5.55 -33.45
CA ASN B 198 -12.56 -4.21 -33.98
C ASN B 198 -13.07 -3.05 -33.11
N LEU B 199 -13.19 -3.28 -31.81
CA LEU B 199 -13.35 -2.18 -30.88
C LEU B 199 -11.97 -1.56 -30.73
N ALA B 200 -11.88 -0.24 -30.87
CA ALA B 200 -10.60 0.43 -30.90
C ALA B 200 -9.83 0.31 -29.58
N PRO B 201 -8.50 0.38 -29.64
CA PRO B 201 -7.67 0.25 -28.43
C PRO B 201 -7.94 1.36 -27.42
N ASN B 202 -8.42 2.51 -27.87
CA ASN B 202 -8.67 3.64 -26.97
C ASN B 202 -10.10 3.64 -26.41
N ARG B 203 -10.85 2.58 -26.69
CA ARG B 203 -12.18 2.36 -26.13
CA ARG B 203 -12.17 2.37 -26.12
C ARG B 203 -12.17 1.39 -24.94
N ILE B 204 -10.99 0.96 -24.50
CA ILE B 204 -10.89 -0.06 -23.44
C ILE B 204 -10.22 0.44 -22.15
N ILE B 205 -10.69 -0.07 -21.01
CA ILE B 205 -10.05 0.20 -19.72
C ILE B 205 -9.93 -1.11 -18.91
N MET B 206 -8.71 -1.40 -18.45
CA MET B 206 -8.42 -2.67 -17.78
C MET B 206 -8.81 -2.65 -16.30
N ASP B 207 -9.51 -3.70 -15.87
CA ASP B 207 -9.89 -3.86 -14.48
C ASP B 207 -9.18 -5.10 -13.97
N PRO B 208 -8.17 -4.92 -13.10
CA PRO B 208 -7.33 -5.96 -12.49
C PRO B 208 -8.09 -6.83 -11.49
N LEU B 209 -9.29 -6.39 -11.08
CA LEU B 209 -10.04 -7.08 -10.01
C LEU B 209 -9.22 -7.08 -8.72
N ILE B 210 -9.11 -5.89 -8.15
CA ILE B 210 -8.20 -5.62 -7.04
CA ILE B 210 -8.21 -5.60 -7.04
C ILE B 210 -8.70 -6.11 -5.68
N GLY B 211 -7.77 -6.30 -4.74
CA GLY B 211 -8.11 -6.39 -3.32
C GLY B 211 -7.79 -5.07 -2.60
N ALA B 212 -8.42 -4.80 -1.47
CA ALA B 212 -8.18 -3.55 -0.75
C ALA B 212 -7.01 -3.70 0.23
N LEU B 213 -6.67 -2.61 0.93
CA LEU B 213 -5.60 -2.63 1.91
C LEU B 213 -5.84 -3.80 2.88
N GLY B 214 -4.81 -4.62 3.07
CA GLY B 214 -4.81 -5.74 4.02
C GLY B 214 -5.46 -6.99 3.47
N TYR B 215 -6.26 -6.76 2.43
CA TYR B 215 -7.00 -7.77 1.64
C TYR B 215 -6.46 -8.22 0.25
N GLY B 216 -5.19 -7.98 -0.05
CA GLY B 216 -4.62 -8.29 -1.36
C GLY B 216 -4.25 -7.08 -2.21
N ILE B 217 -4.25 -5.92 -1.59
CA ILE B 217 -3.75 -4.70 -2.21
C ILE B 217 -2.33 -4.85 -2.81
N GLU B 218 -1.47 -5.69 -2.23
CA GLU B 218 -0.09 -5.77 -2.72
C GLU B 218 -0.03 -6.53 -4.05
N TYR B 219 -0.87 -7.54 -4.21
CA TYR B 219 -0.99 -8.22 -5.50
C TYR B 219 -1.49 -7.22 -6.55
N SER B 220 -2.48 -6.42 -6.16
CA SER B 220 -3.11 -5.45 -7.05
C SER B 220 -2.08 -4.40 -7.48
N TYR B 221 -1.35 -3.90 -6.48
CA TYR B 221 -0.28 -2.95 -6.67
C TYR B 221 0.71 -3.40 -7.76
N SER B 222 1.17 -4.64 -7.69
CA SER B 222 2.19 -5.13 -8.59
C SER B 222 1.65 -5.38 -10.01
N ILE B 223 0.40 -5.83 -10.11
CA ILE B 223 -0.20 -6.06 -11.41
C ILE B 223 -0.31 -4.72 -12.11
N ILE B 224 -0.76 -3.71 -11.38
CA ILE B 224 -0.94 -2.37 -11.95
C ILE B 224 0.39 -1.75 -12.36
N GLU B 225 1.44 -1.95 -11.57
CA GLU B 225 2.77 -1.47 -11.95
C GLU B 225 3.23 -2.21 -13.23
N ARG B 226 2.93 -3.49 -13.33
CA ARG B 226 3.32 -4.24 -14.52
CA ARG B 226 3.30 -4.27 -14.52
C ARG B 226 2.52 -3.77 -15.73
N MET B 227 1.30 -3.28 -15.51
CA MET B 227 0.50 -2.76 -16.59
C MET B 227 1.12 -1.46 -17.12
N ARG B 228 1.50 -0.57 -16.20
CA ARG B 228 2.11 0.70 -16.58
C ARG B 228 3.45 0.48 -17.29
N LEU B 229 4.28 -0.39 -16.74
CA LEU B 229 5.61 -0.64 -17.30
C LEU B 229 5.50 -1.31 -18.66
N GLY B 230 4.51 -2.18 -18.83
CA GLY B 230 4.22 -2.77 -20.12
C GLY B 230 3.90 -1.67 -21.14
N ALA B 231 3.04 -0.75 -20.77
CA ALA B 231 2.63 0.32 -21.67
C ALA B 231 3.84 1.16 -22.12
N LEU B 232 4.61 1.60 -21.14
CA LEU B 232 5.74 2.48 -21.34
C LEU B 232 6.86 1.86 -22.18
N THR B 233 7.05 0.54 -22.09
CA THR B 233 8.15 -0.13 -22.78
C THR B 233 7.78 -0.65 -24.17
N GLY B 234 6.57 -0.37 -24.63
CA GLY B 234 6.18 -0.75 -25.97
C GLY B 234 5.20 -1.89 -26.12
N ASP B 235 4.68 -2.41 -25.02
CA ASP B 235 3.78 -3.55 -25.15
C ASP B 235 2.39 -2.96 -25.33
N LYS B 236 1.87 -3.08 -26.54
CA LYS B 236 0.71 -2.29 -26.95
C LYS B 236 -0.57 -2.91 -26.41
N ILE B 237 -0.54 -4.21 -26.16
CA ILE B 237 -1.70 -4.87 -25.57
C ILE B 237 -1.95 -4.40 -24.13
N LEU B 238 -0.91 -3.86 -23.50
CA LEU B 238 -0.98 -3.34 -22.12
C LEU B 238 -1.21 -1.82 -22.04
N ALA B 239 -1.45 -1.23 -23.20
CA ALA B 239 -1.34 0.21 -23.42
C ALA B 239 -2.63 0.95 -23.01
N MET B 240 -3.52 0.33 -22.25
CA MET B 240 -4.79 0.96 -21.91
C MET B 240 -4.87 1.38 -20.43
N PRO B 241 -5.69 2.41 -20.12
CA PRO B 241 -5.89 2.94 -18.76
C PRO B 241 -6.46 1.89 -17.81
N VAL B 242 -6.35 2.13 -16.51
CA VAL B 242 -6.71 1.12 -15.51
C VAL B 242 -7.77 1.65 -14.53
N VAL B 243 -8.79 0.84 -14.30
CA VAL B 243 -9.84 1.18 -13.33
C VAL B 243 -9.69 0.27 -12.11
N CYS B 244 -9.94 0.80 -10.93
CA CYS B 244 -9.87 0.03 -9.68
C CYS B 244 -11.16 0.24 -8.92
N PHE B 245 -11.87 -0.80 -8.47
CA PHE B 245 -13.05 -0.42 -7.72
C PHE B 245 -12.62 -0.37 -6.28
N ILE B 246 -12.29 0.85 -5.86
CA ILE B 246 -11.85 1.13 -4.50
C ILE B 246 -12.93 0.84 -3.47
N GLY B 247 -13.99 1.64 -3.54
CA GLY B 247 -15.01 1.66 -2.50
C GLY B 247 -15.64 0.31 -2.28
N GLN B 248 -15.89 -0.38 -3.39
CA GLN B 248 -16.46 -1.71 -3.39
C GLN B 248 -15.68 -2.64 -2.45
N GLU B 249 -14.36 -2.61 -2.56
CA GLU B 249 -13.50 -3.45 -1.73
C GLU B 249 -13.16 -2.89 -0.34
N ALA B 250 -12.86 -1.59 -0.25
CA ALA B 250 -12.36 -1.02 0.99
C ALA B 250 -13.40 -1.17 2.10
N TRP B 251 -14.66 -0.94 1.73
CA TRP B 251 -15.75 -0.89 2.70
C TRP B 251 -16.29 -2.27 3.11
N LYS B 252 -15.72 -3.34 2.54
CA LYS B 252 -16.00 -4.69 3.02
C LYS B 252 -15.06 -5.10 4.15
N ALA B 253 -14.01 -4.32 4.35
CA ALA B 253 -13.02 -4.65 5.36
C ALA B 253 -13.62 -4.46 6.74
N LYS B 254 -13.35 -5.41 7.64
CA LYS B 254 -13.83 -5.30 9.01
C LYS B 254 -13.36 -3.99 9.62
N GLU B 255 -12.15 -3.59 9.29
CA GLU B 255 -11.58 -2.33 9.76
C GLU B 255 -12.41 -1.12 9.33
N ALA B 256 -13.00 -1.19 8.14
CA ALA B 256 -13.87 -0.13 7.68
C ALA B 256 -15.32 -0.23 8.20
N LYS B 257 -15.87 -1.45 8.26
CA LYS B 257 -17.27 -1.63 8.63
C LYS B 257 -17.64 -2.02 10.08
N ASP B 258 -16.68 -2.33 10.95
CA ASP B 258 -17.03 -2.79 12.30
C ASP B 258 -16.68 -1.72 13.33
N PRO B 259 -17.71 -1.03 13.83
CA PRO B 259 -17.48 0.15 14.67
C PRO B 259 -16.91 -0.16 16.05
N GLU B 260 -17.04 -1.38 16.55
CA GLU B 260 -16.39 -1.66 17.82
C GLU B 260 -15.28 -2.68 17.63
N VAL B 261 -14.05 -2.20 17.59
CA VAL B 261 -12.88 -3.01 17.86
C VAL B 261 -11.96 -2.13 18.65
N ALA B 262 -11.68 -2.47 19.90
CA ALA B 262 -11.05 -1.52 20.79
C ALA B 262 -9.61 -1.33 20.39
N GLU B 263 -9.01 -2.41 19.92
CA GLU B 263 -7.60 -2.43 19.60
C GLU B 263 -7.29 -1.49 18.41
N TRP B 264 -8.31 -1.17 17.62
CA TRP B 264 -8.09 -0.49 16.33
C TRP B 264 -8.28 1.04 16.38
N GLY B 265 -8.58 1.57 17.56
CA GLY B 265 -8.78 3.00 17.73
C GLY B 265 -10.07 3.56 17.13
N ASP B 266 -10.08 4.88 16.95
CA ASP B 266 -11.26 5.61 16.50
C ASP B 266 -11.82 5.10 15.16
N TYR B 267 -13.11 4.77 15.14
CA TYR B 267 -13.73 4.17 13.96
C TYR B 267 -13.80 5.09 12.74
N ALA B 268 -14.19 6.34 12.95
CA ALA B 268 -14.38 7.29 11.85
C ALA B 268 -13.09 7.47 11.05
N LEU B 269 -11.98 7.65 11.76
CA LEU B 269 -10.68 7.79 11.13
C LEU B 269 -10.29 6.55 10.34
N ARG B 270 -10.36 5.37 10.96
CA ARG B 270 -9.86 4.17 10.28
C ARG B 270 -10.75 3.75 9.10
N ALA B 271 -12.05 4.01 9.22
CA ALA B 271 -12.98 3.68 8.15
C ALA B 271 -12.59 4.45 6.88
N ILE B 272 -12.34 5.75 7.02
CA ILE B 272 -11.97 6.57 5.87
C ILE B 272 -10.56 6.25 5.38
N HIS B 273 -9.61 6.11 6.30
CA HIS B 273 -8.23 5.76 5.94
C HIS B 273 -8.20 4.53 5.07
N TRP B 274 -9.10 3.58 5.34
CA TRP B 274 -9.04 2.32 4.63
C TRP B 274 -9.27 2.57 3.14
N GLU B 275 -10.19 3.48 2.83
CA GLU B 275 -10.46 3.81 1.44
C GLU B 275 -9.38 4.72 0.84
N THR B 276 -8.97 5.75 1.57
CA THR B 276 -8.00 6.70 1.05
C THR B 276 -6.63 6.09 0.85
N VAL B 277 -6.22 5.24 1.79
CA VAL B 277 -4.93 4.58 1.68
C VAL B 277 -4.94 3.56 0.54
N THR B 278 -6.05 2.86 0.34
CA THR B 278 -6.14 1.95 -0.79
C THR B 278 -6.03 2.78 -2.10
N THR B 279 -6.69 3.92 -2.13
CA THR B 279 -6.71 4.77 -3.31
C THR B 279 -5.31 5.25 -3.66
N VAL B 280 -4.64 5.86 -2.70
CA VAL B 280 -3.32 6.44 -2.91
C VAL B 280 -2.27 5.38 -3.27
N ALA B 281 -2.31 4.23 -2.60
CA ALA B 281 -1.43 3.13 -2.98
C ALA B 281 -1.57 2.78 -4.46
N LEU B 282 -2.80 2.63 -4.94
CA LEU B 282 -3.01 2.20 -6.31
C LEU B 282 -2.83 3.36 -7.31
N ILE B 283 -2.93 4.60 -6.83
CA ILE B 283 -2.53 5.76 -7.64
C ILE B 283 -1.02 5.70 -7.84
N GLN B 284 -0.29 5.38 -6.78
CA GLN B 284 1.17 5.26 -6.90
C GLN B 284 1.54 4.12 -7.84
N ALA B 285 0.65 3.13 -7.95
CA ALA B 285 0.92 1.93 -8.75
C ALA B 285 0.71 2.18 -10.23
N GLY B 286 0.07 3.30 -10.57
CA GLY B 286 -0.27 3.57 -11.96
C GLY B 286 -1.72 3.38 -12.41
N GLY B 287 -2.66 3.30 -11.46
CA GLY B 287 -4.08 3.31 -11.81
C GLY B 287 -4.57 4.67 -12.32
N HIS B 288 -5.65 4.68 -13.11
CA HIS B 288 -6.22 5.91 -13.67
C HIS B 288 -7.60 6.27 -13.09
N LEU B 289 -8.57 5.38 -13.24
CA LEU B 289 -9.92 5.63 -12.76
C LEU B 289 -10.19 4.92 -11.42
N PHE B 290 -10.58 5.68 -10.41
CA PHE B 290 -10.75 5.11 -9.09
C PHE B 290 -12.21 5.26 -8.67
N VAL B 291 -12.91 4.13 -8.57
CA VAL B 291 -14.33 4.18 -8.24
C VAL B 291 -14.49 4.07 -6.73
N MET B 292 -14.88 5.19 -6.11
CA MET B 292 -14.94 5.32 -4.67
C MET B 292 -16.41 5.33 -4.18
N ARG B 293 -16.59 5.43 -2.86
CA ARG B 293 -17.92 5.41 -2.25
C ARG B 293 -18.15 6.60 -1.34
N HIS B 294 -17.29 6.78 -0.35
CA HIS B 294 -17.42 7.91 0.57
C HIS B 294 -16.89 9.24 0.00
N PRO B 295 -17.76 10.26 -0.03
CA PRO B 295 -17.41 11.62 -0.49
C PRO B 295 -16.27 12.25 0.32
N LYS B 296 -16.14 11.90 1.58
CA LYS B 296 -15.05 12.42 2.40
C LYS B 296 -13.71 11.84 1.95
N SER B 297 -13.70 10.54 1.65
CA SER B 297 -12.53 9.88 1.09
C SER B 297 -12.09 10.57 -0.21
N LEU B 298 -13.04 10.78 -1.11
CA LEU B 298 -12.78 11.49 -2.36
C LEU B 298 -12.19 12.89 -2.08
N ALA B 299 -12.76 13.60 -1.13
CA ALA B 299 -12.32 14.96 -0.82
C ALA B 299 -10.89 15.02 -0.30
N GLU B 300 -10.50 14.07 0.55
CA GLU B 300 -9.14 14.12 1.09
C GLU B 300 -8.16 13.67 0.03
N VAL B 301 -8.54 12.68 -0.78
CA VAL B 301 -7.66 12.19 -1.83
C VAL B 301 -7.45 13.32 -2.87
N LYS B 302 -8.51 14.04 -3.21
CA LYS B 302 -8.37 15.13 -4.17
C LYS B 302 -7.40 16.17 -3.63
N GLU B 303 -7.43 16.42 -2.33
CA GLU B 303 -6.48 17.32 -1.70
C GLU B 303 -5.03 16.80 -1.78
N HIS B 304 -4.82 15.53 -1.45
CA HIS B 304 -3.53 14.89 -1.59
C HIS B 304 -2.98 15.06 -3.02
N LEU B 305 -3.85 14.90 -4.00
CA LEU B 305 -3.48 15.00 -5.40
C LEU B 305 -2.99 16.41 -5.75
N LYS B 306 -3.68 17.43 -5.24
CA LYS B 306 -3.26 18.80 -5.48
C LYS B 306 -1.85 19.01 -4.96
N ARG B 307 -1.53 18.34 -3.85
CA ARG B 307 -0.21 18.45 -3.26
C ARG B 307 0.86 17.69 -4.01
N ILE B 308 0.55 16.50 -4.50
CA ILE B 308 1.58 15.70 -5.15
C ILE B 308 1.77 16.10 -6.61
N LEU B 309 0.83 16.85 -7.17
CA LEU B 309 1.00 17.42 -8.53
C LEU B 309 1.73 18.74 -8.50
N LYS B 310 1.87 19.32 -7.30
CA LYS B 310 2.46 20.64 -7.12
C LYS B 310 3.82 20.78 -7.79
CO B12 C . -7.64 -14.50 -6.85
N21 B12 C . -9.53 -14.83 -7.07
N22 B12 C . -7.43 -16.05 -7.93
N23 B12 C . -5.73 -14.12 -6.54
N24 B12 C . -8.14 -12.85 -6.09
C1 B12 C . -10.48 -13.78 -6.53
C20 B12 C . -10.66 -14.50 -5.06
C2 B12 C . -11.60 -13.55 -7.56
C25 B12 C . -13.01 -13.43 -6.88
C26 B12 C . -11.43 -12.35 -8.50
C27 B12 C . -12.53 -12.29 -9.47
O28 B12 C . -13.49 -11.60 -9.28
N29 B12 C . -12.39 -12.97 -10.48
C3 B12 C . -11.36 -14.98 -8.33
C30 B12 C . -12.36 -16.07 -7.97
C31 B12 C . -13.43 -16.32 -9.06
C32 B12 C . -14.51 -16.72 -8.48
O34 B12 C . -15.45 -16.91 -9.03
N33 B12 C . -14.71 -16.46 -7.25
C4 B12 C . -10.03 -15.22 -8.48
C5 B12 C . -9.45 -15.97 -9.34
C35 B12 C . -10.28 -16.61 -10.51
C6 B12 C . -8.18 -16.26 -9.18
C7 B12 C . -7.35 -17.16 -10.11
C36 B12 C . -7.93 -18.58 -10.50
C37 B12 C . -6.99 -16.22 -11.40
C38 B12 C . -6.02 -16.92 -12.19
O39 B12 C . -6.42 -17.76 -12.86
N40 B12 C . -4.73 -16.70 -12.10
C8 B12 C . -6.22 -17.47 -9.30
C41 B12 C . -6.17 -18.96 -8.90
C42 B12 C . -5.21 -19.28 -7.88
C43 B12 C . -3.85 -19.45 -8.46
O44 B12 C . -3.71 -20.09 -9.50
N45 B12 C . -2.80 -18.72 -7.89
C9 B12 C . -6.05 -16.48 -8.37
C10 B12 C . -4.82 -15.99 -7.85
C11 B12 C . -4.81 -15.09 -6.80
C12 B12 C . -3.50 -14.42 -6.29
C46 B12 C . -3.19 -13.27 -7.17
C47 B12 C . -2.44 -15.46 -6.44
C13 B12 C . -4.02 -13.93 -4.89
C48 B12 C . -3.89 -15.15 -3.81
C49 B12 C . -4.18 -14.77 -2.40
C50 B12 C . -4.49 -16.07 -1.60
O51 B12 C . -5.56 -16.66 -1.83
N52 B12 C . -3.56 -16.66 -0.98
C14 B12 C . -5.35 -13.55 -5.18
C15 B12 C . -6.21 -12.58 -4.61
C53 B12 C . -5.45 -11.84 -3.58
C16 B12 C . -7.54 -12.40 -4.95
C17 B12 C . -8.43 -11.35 -4.34
C54 B12 C . -8.04 -9.98 -4.96
C55 B12 C . -8.36 -11.37 -2.73
C56 B12 C . -8.46 -12.81 -2.08
C57 B12 C . -8.45 -12.54 -0.57
O58 B12 C . -7.40 -12.39 -0.01
N59 B12 C . -9.59 -12.53 0.01
C18 B12 C . -9.94 -11.63 -4.86
C60 B12 C . -10.92 -10.36 -5.26
C61 B12 C . -11.39 -9.69 -4.02
O63 B12 C . -11.73 -10.33 -3.13
N62 B12 C . -11.42 -8.42 -3.98
C19 B12 C . -9.66 -12.69 -5.93
C1P B12 C . -9.64 -12.17 1.49
C2P B12 C . -10.12 -13.34 2.30
C3P B12 C . -10.09 -12.94 3.81
O3 B12 C . -11.44 -13.67 1.93
O4 B12 C . -11.05 -16.18 2.19
O5 B12 C . -13.24 -15.02 0.95
P B12 C . -12.13 -15.15 2.03
O2 B12 C . -12.88 -14.95 3.52
C3R B12 C . -13.95 -14.18 3.86
C2R B12 C . -15.27 -14.85 3.42
O7R B12 C . -15.18 -16.06 2.53
C1R B12 C . -15.92 -15.22 4.69
O6R B12 C . -15.44 -14.34 5.62
C4R B12 C . -14.02 -14.13 5.36
C5R B12 C . -13.36 -12.85 5.83
O8R B12 C . -14.08 -12.06 6.75
N1B B12 C . -15.54 -16.67 5.16
C8B B12 C . -16.45 -17.44 5.84
C2B B12 C . -14.35 -17.32 5.06
N3B B12 C . -14.47 -18.47 5.76
C9B B12 C . -15.75 -18.64 6.15
C4B B12 C . -16.48 -19.78 6.88
C5B B12 C . -17.79 -19.58 7.28
C5M B12 C . -18.52 -20.71 8.04
C6B B12 C . -18.54 -18.34 6.86
C6M B12 C . -20.02 -18.26 7.40
C7B B12 C . -17.83 -17.22 6.18
FE1 SF4 D . 46.44 11.12 0.33
FE2 SF4 D . 47.85 10.31 -1.73
FE3 SF4 D . 47.75 12.82 -1.04
FE4 SF4 D . 45.53 11.70 -2.35
S1 SF4 D . 47.69 12.01 -3.24
S2 SF4 D . 45.65 12.98 -0.55
S3 SF4 D . 45.74 9.58 -1.37
S4 SF4 D . 48.61 11.26 0.25
#